data_5UIJ
#
_entry.id   5UIJ
#
_cell.length_a   73.910
_cell.length_b   64.757
_cell.length_c   97.757
_cell.angle_alpha   90.00
_cell.angle_beta   90.54
_cell.angle_gamma   90.00
#
_symmetry.space_group_name_H-M   'P 1 21 1'
#
loop_
_entity.id
_entity.type
_entity.pdbx_description
1 polymer Formyltransferase
2 non-polymer "THYMIDINE-5'-DIPHOSPHATE"
3 non-polymer 1,2-ETHANEDIOL
4 non-polymer 'SODIUM ION'
5 water water
#
_entity_poly.entity_id   1
_entity_poly.type   'polypeptide(L)'
_entity_poly.pdbx_seq_one_letter_code
;GGGGGGHMKIIIAGKNDIAVNVTRWLQKKKKNIEIYAICNANDTGIDTFQRSFKKYCKDNLIPIISLAEAYKIDDAIFLS
LEFDKIVQPSKFNHNELFNIHFSYLPKYKGMYTSAWPILNGEDTSGVTLHKIDHGIDTGAIIAQKEIIIQPFETAKDLYE
KYISEGTSLVIDNISTLLNSEYVEKEQNIKYSSYYSKKTIDYSNLELNFSKTAFEIINQLRAFTFREYQLPKLDGVNIFL
GDVLSSRSIMKPGSILERNDKEIIVSTIDYDVVLYKDNFKEILEACKYSDSKYIAKLIRAKSILFEKNIYGWSPVIVAAY
HGNIELIKWLVSKGANINDRNYKGTTVAMYFKDYMLKSGDYSGLKMLIDLGLDLTLTDYKDYTVFDYLEKSGNKNLLQYM
MAFMK
;
_entity_poly.pdbx_strand_id   A,B
#
# COMPACT_ATOMS: atom_id res chain seq x y z
N MET A 8 1.39 -2.11 -44.59
CA MET A 8 2.51 -1.61 -43.74
C MET A 8 2.96 -2.80 -42.90
N LYS A 9 3.83 -2.61 -41.90
CA LYS A 9 4.43 -3.76 -41.20
C LYS A 9 4.30 -3.64 -39.67
N ILE A 10 4.30 -4.78 -38.97
CA ILE A 10 4.26 -4.76 -37.51
C ILE A 10 5.15 -5.86 -36.96
N ILE A 11 5.83 -5.53 -35.85
CA ILE A 11 6.64 -6.50 -35.13
C ILE A 11 5.94 -6.75 -33.79
N ILE A 12 5.63 -8.00 -33.53
CA ILE A 12 4.92 -8.38 -32.31
C ILE A 12 5.98 -9.10 -31.48
N ALA A 13 6.23 -8.53 -30.32
CA ALA A 13 7.34 -9.02 -29.47
C ALA A 13 6.83 -9.45 -28.11
N GLY A 14 6.88 -10.73 -27.81
CA GLY A 14 6.38 -11.16 -26.51
C GLY A 14 5.85 -12.56 -26.52
N LYS A 15 4.81 -12.75 -25.71
CA LYS A 15 4.41 -14.09 -25.31
C LYS A 15 2.94 -14.29 -24.99
N ASN A 16 2.57 -15.56 -24.84
CA ASN A 16 1.30 -15.97 -24.18
C ASN A 16 0.07 -15.60 -25.03
N ASP A 17 -1.13 -15.74 -24.47
CA ASP A 17 -2.36 -15.60 -25.27
C ASP A 17 -2.52 -14.18 -25.77
N ILE A 18 -1.87 -13.23 -25.10
CA ILE A 18 -1.98 -11.87 -25.61
C ILE A 18 -1.27 -11.70 -26.97
N ALA A 19 0.00 -12.13 -27.09
CA ALA A 19 0.68 -12.14 -28.39
C ALA A 19 -0.06 -13.00 -29.43
N VAL A 20 -0.45 -14.21 -29.05
CA VAL A 20 -1.16 -15.09 -29.97
C VAL A 20 -2.40 -14.40 -30.49
N ASN A 21 -3.21 -13.87 -29.59
CA ASN A 21 -4.51 -13.38 -30.00
C ASN A 21 -4.49 -12.06 -30.70
N VAL A 22 -3.57 -11.18 -30.31
CA VAL A 22 -3.36 -9.98 -31.10
C VAL A 22 -2.92 -10.36 -32.52
N THR A 23 -2.01 -11.31 -32.62
CA THR A 23 -1.59 -11.79 -33.92
C THR A 23 -2.74 -12.38 -34.76
N ARG A 24 -3.55 -13.22 -34.13
CA ARG A 24 -4.66 -13.85 -34.84
C ARG A 24 -5.62 -12.80 -35.40
N TRP A 25 -5.88 -11.75 -34.61
CA TRP A 25 -6.77 -10.73 -35.06
C TRP A 25 -6.22 -10.04 -36.29
N LEU A 26 -4.91 -9.77 -36.26
CA LEU A 26 -4.24 -9.11 -37.34
C LEU A 26 -4.28 -9.94 -38.62
N GLN A 27 -3.97 -11.23 -38.53
CA GLN A 27 -4.11 -12.09 -39.66
C GLN A 27 -5.55 -12.06 -40.17
N LYS A 28 -6.53 -11.81 -39.32
CA LYS A 28 -7.92 -11.80 -39.77
C LYS A 28 -8.35 -10.47 -40.38
N LYS A 29 -8.10 -9.37 -39.71
CA LYS A 29 -8.73 -8.09 -40.08
C LYS A 29 -7.77 -7.17 -40.79
N LYS A 30 -6.52 -7.58 -40.91
CA LYS A 30 -5.52 -6.70 -41.50
C LYS A 30 -4.57 -7.59 -42.30
N LYS A 31 -5.10 -8.19 -43.35
CA LYS A 31 -4.40 -9.27 -44.04
C LYS A 31 -3.32 -8.71 -44.96
N ASN A 32 -3.49 -7.42 -45.27
CA ASN A 32 -2.49 -6.56 -45.90
C ASN A 32 -1.20 -6.22 -45.10
N ILE A 33 -0.97 -6.85 -43.94
CA ILE A 33 0.03 -6.37 -42.98
C ILE A 33 1.06 -7.48 -42.87
N GLU A 34 2.31 -7.14 -43.12
CA GLU A 34 3.41 -8.07 -42.91
C GLU A 34 3.73 -8.14 -41.41
N ILE A 35 3.75 -9.36 -40.86
CA ILE A 35 3.87 -9.51 -39.42
C ILE A 35 5.21 -10.15 -39.16
N TYR A 36 5.98 -9.62 -38.23
CA TYR A 36 7.15 -10.34 -37.73
C TYR A 36 7.04 -10.47 -36.22
N ALA A 37 7.65 -11.54 -35.74
CA ALA A 37 7.51 -11.95 -34.38
C ALA A 37 8.87 -11.92 -33.72
N ILE A 38 8.91 -11.49 -32.46
CA ILE A 38 10.03 -11.83 -31.58
C ILE A 38 9.48 -12.58 -30.38
N CYS A 39 10.14 -13.67 -30.03
CA CYS A 39 9.67 -14.50 -28.93
C CYS A 39 10.55 -14.26 -27.71
N ASN A 40 10.07 -14.76 -26.58
CA ASN A 40 10.76 -14.56 -25.32
C ASN A 40 11.71 -15.72 -25.12
N ALA A 41 12.79 -15.50 -24.38
CA ALA A 41 13.84 -16.50 -24.20
C ALA A 41 13.31 -17.79 -23.59
N ASN A 42 12.21 -17.73 -22.86
CA ASN A 42 11.77 -18.94 -22.21
C ASN A 42 10.49 -19.53 -22.78
N ASP A 43 10.14 -19.14 -24.00
CA ASP A 43 9.04 -19.75 -24.70
C ASP A 43 9.56 -21.10 -25.21
N THR A 44 9.10 -22.19 -24.59
CA THR A 44 9.58 -23.55 -24.89
C THR A 44 9.15 -24.04 -26.26
N GLY A 45 8.26 -23.33 -26.95
CA GLY A 45 7.68 -23.87 -28.18
C GLY A 45 6.53 -24.84 -27.95
N ILE A 46 6.13 -25.08 -26.71
CA ILE A 46 5.06 -26.01 -26.39
C ILE A 46 3.95 -25.28 -25.64
N ASP A 47 2.69 -25.57 -25.97
CA ASP A 47 1.59 -24.90 -25.33
C ASP A 47 1.50 -25.30 -23.86
N THR A 48 1.25 -24.36 -22.96
CA THR A 48 1.00 -24.70 -21.56
C THR A 48 -0.29 -24.04 -21.09
N PHE A 49 -0.40 -23.61 -19.83
CA PHE A 49 -1.59 -22.82 -19.46
C PHE A 49 -1.78 -21.57 -20.30
N GLN A 50 -0.71 -21.02 -20.90
CA GLN A 50 -0.84 -20.06 -22.01
C GLN A 50 -0.28 -20.71 -23.27
N ARG A 51 -0.78 -20.23 -24.42
CA ARG A 51 -0.28 -20.73 -25.70
C ARG A 51 1.18 -20.29 -25.87
N SER A 52 1.96 -21.13 -26.52
CA SER A 52 3.26 -20.75 -27.04
C SER A 52 3.11 -19.84 -28.27
N PHE A 53 3.56 -18.59 -28.13
CA PHE A 53 3.67 -17.70 -29.25
C PHE A 53 4.65 -18.23 -30.32
N LYS A 54 5.74 -18.84 -29.91
CA LYS A 54 6.73 -19.35 -30.85
C LYS A 54 6.09 -20.47 -31.71
N LYS A 55 5.33 -21.33 -31.03
CA LYS A 55 4.63 -22.42 -31.70
C LYS A 55 3.64 -21.89 -32.70
N TYR A 56 2.81 -20.98 -32.26
CA TYR A 56 1.89 -20.32 -33.12
C TYR A 56 2.53 -19.71 -34.37
N CYS A 57 3.60 -18.94 -34.19
CA CYS A 57 4.29 -18.35 -35.33
C CYS A 57 4.86 -19.42 -36.27
N LYS A 58 5.47 -20.48 -35.73
CA LYS A 58 5.91 -21.56 -36.59
C LYS A 58 4.78 -22.22 -37.36
N ASP A 59 3.73 -22.58 -36.64
CA ASP A 59 2.56 -23.19 -37.25
C ASP A 59 1.87 -22.27 -38.22
N ASN A 60 2.09 -20.96 -38.14
CA ASN A 60 1.45 -20.06 -39.09
C ASN A 60 2.44 -19.35 -40.03
N LEU A 61 3.63 -19.91 -40.18
CA LEU A 61 4.61 -19.31 -41.07
C LEU A 61 4.80 -17.80 -40.83
N ILE A 62 4.76 -17.37 -39.57
CA ILE A 62 5.06 -15.98 -39.23
C ILE A 62 6.55 -15.95 -38.94
N PRO A 63 7.32 -15.13 -39.64
CA PRO A 63 8.77 -15.16 -39.41
C PRO A 63 9.12 -14.68 -38.00
N ILE A 64 9.99 -15.45 -37.37
CA ILE A 64 10.52 -15.06 -36.08
C ILE A 64 11.91 -14.44 -36.26
N ILE A 65 12.07 -13.25 -35.73
CA ILE A 65 13.31 -12.48 -35.86
C ILE A 65 13.92 -12.15 -34.50
N SER A 66 15.12 -11.57 -34.49
CA SER A 66 15.74 -11.08 -33.27
C SER A 66 15.37 -9.62 -33.07
N LEU A 67 15.55 -9.16 -31.84
CA LEU A 67 15.39 -7.74 -31.56
C LEU A 67 16.42 -6.96 -32.38
N ALA A 68 17.63 -7.47 -32.49
CA ALA A 68 18.58 -6.73 -33.30
C ALA A 68 18.13 -6.60 -34.76
N GLU A 69 17.48 -7.64 -35.29
CA GLU A 69 16.94 -7.56 -36.66
C GLU A 69 15.77 -6.58 -36.70
N ALA A 70 14.93 -6.59 -35.67
CA ALA A 70 13.75 -5.71 -35.65
C ALA A 70 14.14 -4.24 -35.70
N TYR A 71 15.20 -3.89 -34.97
CA TYR A 71 15.81 -2.55 -35.07
C TYR A 71 16.05 -2.02 -36.51
N LYS A 72 16.35 -2.91 -37.46
CA LYS A 72 16.71 -2.54 -38.82
C LYS A 72 15.55 -2.53 -39.79
N ILE A 73 14.34 -2.85 -39.33
CA ILE A 73 13.20 -2.84 -40.25
C ILE A 73 12.58 -1.47 -40.32
N ASP A 74 12.55 -0.88 -41.50
CA ASP A 74 11.96 0.45 -41.65
C ASP A 74 10.43 0.41 -41.84
N ASP A 75 9.78 1.50 -41.45
CA ASP A 75 8.37 1.66 -41.76
C ASP A 75 7.57 0.52 -41.14
N ALA A 76 7.96 0.15 -39.92
CA ALA A 76 7.22 -0.86 -39.15
C ALA A 76 6.79 -0.15 -37.90
N ILE A 77 5.73 -0.63 -37.24
CA ILE A 77 5.59 -0.31 -35.82
C ILE A 77 6.00 -1.52 -34.96
N PHE A 78 6.31 -1.23 -33.73
CA PHE A 78 6.78 -2.26 -32.81
C PHE A 78 5.83 -2.34 -31.62
N LEU A 79 5.40 -3.56 -31.30
CA LEU A 79 4.45 -3.76 -30.23
C LEU A 79 4.88 -4.91 -29.35
N SER A 80 5.18 -4.51 -28.12
CA SER A 80 5.59 -5.34 -27.02
C SER A 80 4.44 -5.86 -26.14
N LEU A 81 4.37 -7.18 -25.93
CA LEU A 81 3.28 -7.81 -25.20
C LEU A 81 3.83 -8.89 -24.25
N GLU A 82 4.07 -8.51 -23.00
CA GLU A 82 4.79 -9.33 -22.02
C GLU A 82 6.18 -9.76 -22.53
N PHE A 83 6.81 -8.86 -23.26
CA PHE A 83 8.16 -9.10 -23.80
C PHE A 83 9.18 -9.07 -22.65
N ASP A 84 10.22 -9.86 -22.81
CA ASP A 84 11.21 -10.06 -21.77
C ASP A 84 12.56 -9.40 -22.08
N LYS A 85 12.66 -8.53 -23.08
CA LYS A 85 13.94 -7.89 -23.37
C LYS A 85 13.84 -6.40 -23.30
N ILE A 86 14.92 -5.79 -22.84
CA ILE A 86 15.01 -4.33 -22.84
C ILE A 86 15.09 -3.80 -24.27
N VAL A 87 14.16 -2.92 -24.59
CA VAL A 87 14.09 -2.40 -25.94
C VAL A 87 14.74 -1.02 -25.95
N GLN A 88 15.71 -0.77 -26.84
CA GLN A 88 16.46 0.49 -26.92
C GLN A 88 15.92 1.34 -28.04
N PRO A 89 15.11 2.36 -27.70
CA PRO A 89 14.44 3.18 -28.74
C PRO A 89 15.33 3.84 -29.78
N SER A 90 16.53 4.26 -29.38
CA SER A 90 17.45 4.88 -30.31
CA SER A 90 17.45 4.88 -30.32
C SER A 90 17.85 3.95 -31.47
N LYS A 91 17.79 2.64 -31.23
CA LYS A 91 18.21 1.66 -32.22
C LYS A 91 17.29 1.46 -33.38
N PHE A 92 16.07 1.92 -33.25
CA PHE A 92 15.15 1.98 -34.41
C PHE A 92 15.34 3.25 -35.21
N ASN A 93 14.93 3.18 -36.46
CA ASN A 93 14.93 4.30 -37.39
C ASN A 93 13.54 4.96 -37.36
N HIS A 94 12.83 4.87 -36.23
CA HIS A 94 11.49 5.45 -36.04
C HIS A 94 11.16 5.42 -34.55
N ASN A 95 10.02 6.01 -34.20
CA ASN A 95 9.55 6.06 -32.83
C ASN A 95 8.15 5.50 -32.53
N GLU A 96 7.72 4.56 -33.37
CA GLU A 96 6.44 3.88 -33.30
C GLU A 96 6.62 2.60 -32.48
N LEU A 97 6.90 2.87 -31.21
CA LEU A 97 7.26 1.83 -30.24
C LEU A 97 6.22 1.78 -29.12
N PHE A 98 5.52 0.66 -29.02
CA PHE A 98 4.38 0.56 -28.12
C PHE A 98 4.48 -0.70 -27.25
N ASN A 99 3.95 -0.57 -26.02
CA ASN A 99 3.90 -1.66 -25.05
C ASN A 99 2.54 -1.74 -24.39
N ILE A 100 2.11 -2.96 -24.06
CA ILE A 100 1.02 -3.14 -23.08
C ILE A 100 1.61 -3.54 -21.71
N HIS A 101 1.41 -2.70 -20.71
CA HIS A 101 1.81 -3.07 -19.38
C HIS A 101 0.56 -3.43 -18.57
N PHE A 102 0.71 -4.43 -17.71
CA PHE A 102 -0.39 -4.99 -16.93
C PHE A 102 -0.58 -4.26 -15.59
N SER A 103 -0.79 -2.95 -15.69
CA SER A 103 -1.21 -2.11 -14.59
C SER A 103 -1.94 -0.87 -15.14
N TYR A 104 -2.53 -0.12 -14.22
CA TYR A 104 -3.08 1.18 -14.57
C TYR A 104 -2.02 2.18 -14.20
N LEU A 105 -1.12 2.45 -15.13
CA LEU A 105 0.01 3.34 -14.86
C LEU A 105 -0.55 4.72 -14.48
N PRO A 106 0.14 5.45 -13.62
CA PRO A 106 1.55 5.24 -13.28
C PRO A 106 1.83 4.30 -12.13
N LYS A 107 0.80 3.72 -11.52
CA LYS A 107 1.04 2.81 -10.42
C LYS A 107 1.53 1.46 -10.98
N TYR A 108 2.29 0.76 -10.14
CA TYR A 108 2.63 -0.63 -10.41
C TYR A 108 3.38 -0.84 -11.70
N LYS A 109 4.36 0.04 -11.96
CA LYS A 109 5.43 -0.24 -12.88
C LYS A 109 6.18 -1.49 -12.43
N GLY A 110 6.75 -2.22 -13.40
CA GLY A 110 7.62 -3.34 -13.14
C GLY A 110 6.90 -4.67 -13.06
N MET A 111 7.23 -5.38 -12.00
CA MET A 111 7.01 -6.82 -11.91
C MET A 111 5.88 -7.21 -10.97
N TYR A 112 5.52 -8.48 -11.16
CA TYR A 112 4.53 -9.18 -10.37
C TYR A 112 3.24 -8.40 -10.19
N THR A 113 2.72 -7.79 -11.27
CA THR A 113 1.56 -6.93 -11.11
C THR A 113 0.24 -7.67 -10.87
N SER A 114 0.21 -9.00 -11.06
CA SER A 114 -0.85 -9.87 -10.59
C SER A 114 -0.88 -10.11 -9.09
N ALA A 115 0.23 -9.86 -8.42
CA ALA A 115 0.30 -10.07 -6.97
C ALA A 115 0.27 -8.76 -6.18
N TRP A 116 1.13 -7.81 -6.52
CA TRP A 116 1.28 -6.63 -5.67
C TRP A 116 -0.02 -5.86 -5.46
N PRO A 117 -0.81 -5.62 -6.50
CA PRO A 117 -2.07 -4.91 -6.16
C PRO A 117 -2.97 -5.69 -5.19
N ILE A 118 -2.98 -7.01 -5.29
CA ILE A 118 -3.77 -7.82 -4.35
C ILE A 118 -3.18 -7.75 -2.96
N LEU A 119 -1.88 -7.97 -2.87
CA LEU A 119 -1.24 -7.91 -1.57
C LEU A 119 -1.53 -6.60 -0.85
N ASN A 120 -1.55 -5.51 -1.61
CA ASN A 120 -1.75 -4.17 -1.05
C ASN A 120 -3.20 -3.83 -0.76
N GLY A 121 -4.09 -4.79 -1.01
CA GLY A 121 -5.50 -4.58 -0.79
C GLY A 121 -6.18 -3.66 -1.79
N GLU A 122 -5.65 -3.54 -3.00
CA GLU A 122 -6.35 -2.79 -4.08
C GLU A 122 -7.68 -3.47 -4.45
N ASP A 123 -8.66 -2.63 -4.75
CA ASP A 123 -9.90 -3.03 -5.39
C ASP A 123 -9.78 -3.02 -6.91
N THR A 124 -8.82 -2.27 -7.44
CA THR A 124 -8.72 -2.19 -8.89
C THR A 124 -7.26 -2.24 -9.38
N SER A 125 -7.11 -2.63 -10.64
CA SER A 125 -5.87 -2.51 -11.39
C SER A 125 -6.24 -2.01 -12.80
N GLY A 126 -5.52 -2.49 -13.81
CA GLY A 126 -5.76 -2.07 -15.17
C GLY A 126 -4.73 -2.58 -16.15
N VAL A 127 -4.95 -2.25 -17.42
CA VAL A 127 -3.96 -2.41 -18.46
C VAL A 127 -3.73 -1.09 -19.15
N THR A 128 -2.47 -0.88 -19.57
CA THR A 128 -2.07 0.38 -20.18
C THR A 128 -1.28 0.15 -21.46
N LEU A 129 -1.77 0.78 -22.52
CA LEU A 129 -1.00 0.99 -23.74
C LEU A 129 -0.21 2.29 -23.67
N HIS A 130 1.09 2.17 -23.94
CA HIS A 130 2.02 3.30 -23.84
C HIS A 130 3.24 3.19 -24.75
N LYS A 131 3.93 4.31 -24.83
CA LYS A 131 5.13 4.40 -25.62
C LYS A 131 6.28 3.73 -24.91
N ILE A 132 7.15 3.05 -25.66
CA ILE A 132 8.36 2.53 -25.06
C ILE A 132 9.32 3.71 -24.99
N ASP A 133 9.80 4.13 -23.83
CA ASP A 133 10.90 5.08 -23.83
C ASP A 133 12.08 4.37 -23.23
N HIS A 134 13.04 5.09 -22.64
CA HIS A 134 14.24 4.45 -22.13
C HIS A 134 14.07 3.73 -20.80
N GLY A 135 13.03 3.98 -20.03
CA GLY A 135 12.91 3.34 -18.73
C GLY A 135 11.93 2.18 -18.72
N ILE A 136 11.63 1.75 -17.51
CA ILE A 136 10.79 0.57 -17.30
C ILE A 136 9.37 1.08 -17.12
N ASP A 137 8.52 0.91 -18.15
CA ASP A 137 7.09 1.24 -18.02
C ASP A 137 6.85 2.70 -17.71
N THR A 138 7.79 3.55 -18.16
CA THR A 138 7.81 5.00 -17.90
C THR A 138 7.23 5.88 -19.01
N GLY A 139 6.99 5.30 -20.18
CA GLY A 139 6.64 6.03 -21.39
C GLY A 139 5.20 6.52 -21.38
N ALA A 140 4.96 7.42 -22.34
CA ALA A 140 3.74 8.18 -22.37
C ALA A 140 2.53 7.29 -22.65
N ILE A 141 1.44 7.59 -21.94
CA ILE A 141 0.22 6.81 -22.00
C ILE A 141 -0.61 7.22 -23.19
N ILE A 142 -1.04 6.21 -23.93
CA ILE A 142 -1.92 6.31 -25.08
C ILE A 142 -3.36 5.90 -24.77
N ALA A 143 -3.56 4.71 -24.22
CA ALA A 143 -4.87 4.26 -23.75
C ALA A 143 -4.73 3.41 -22.47
N GLN A 144 -5.80 3.39 -21.67
CA GLN A 144 -5.90 2.49 -20.51
C GLN A 144 -7.30 2.00 -20.27
N LYS A 145 -7.39 0.99 -19.40
CA LYS A 145 -8.65 0.35 -19.11
C LYS A 145 -8.54 -0.12 -17.66
N GLU A 146 -9.47 0.33 -16.83
CA GLU A 146 -9.50 -0.07 -15.44
C GLU A 146 -10.06 -1.48 -15.33
N ILE A 147 -9.53 -2.27 -14.41
CA ILE A 147 -9.98 -3.62 -14.15
C ILE A 147 -10.40 -3.65 -12.67
N ILE A 148 -11.53 -4.26 -12.39
CA ILE A 148 -12.01 -4.40 -11.03
C ILE A 148 -11.43 -5.71 -10.61
N ILE A 149 -10.77 -5.70 -9.46
CA ILE A 149 -10.38 -6.93 -8.83
C ILE A 149 -11.50 -7.38 -7.86
N GLN A 150 -12.15 -8.48 -8.19
CA GLN A 150 -13.16 -9.04 -7.29
C GLN A 150 -12.55 -9.61 -6.02
N PRO A 151 -13.30 -9.57 -4.91
CA PRO A 151 -12.74 -10.03 -3.64
C PRO A 151 -12.34 -11.51 -3.62
N PHE A 152 -12.91 -12.33 -4.48
CA PHE A 152 -12.54 -13.73 -4.45
C PHE A 152 -11.26 -13.97 -5.28
N GLU A 153 -10.96 -13.04 -6.20
CA GLU A 153 -10.09 -13.34 -7.34
C GLU A 153 -8.64 -13.54 -6.91
N THR A 154 -7.95 -14.53 -7.49
CA THR A 154 -6.55 -14.78 -7.25
C THR A 154 -5.61 -14.02 -8.19
N ALA A 155 -4.31 -14.05 -7.91
CA ALA A 155 -3.31 -13.59 -8.86
C ALA A 155 -3.54 -14.25 -10.23
N LYS A 156 -3.86 -15.53 -10.30
CA LYS A 156 -4.11 -16.11 -11.63
C LYS A 156 -5.35 -15.52 -12.34
N ASP A 157 -6.45 -15.40 -11.61
CA ASP A 157 -7.62 -14.74 -12.18
C ASP A 157 -7.27 -13.36 -12.69
N LEU A 158 -6.45 -12.62 -11.96
CA LEU A 158 -6.17 -11.26 -12.36
C LEU A 158 -5.24 -11.27 -13.57
N TYR A 159 -4.30 -12.22 -13.62
CA TYR A 159 -3.45 -12.33 -14.80
C TYR A 159 -4.27 -12.62 -16.04
N GLU A 160 -5.24 -13.52 -15.93
CA GLU A 160 -6.12 -13.83 -17.05
C GLU A 160 -6.97 -12.65 -17.52
N LYS A 161 -7.45 -11.84 -16.59
CA LYS A 161 -8.03 -10.56 -16.94
C LYS A 161 -7.09 -9.56 -17.63
N TYR A 162 -5.85 -9.47 -17.15
CA TYR A 162 -4.82 -8.67 -17.87
C TYR A 162 -4.67 -9.09 -19.32
N ILE A 163 -4.51 -10.40 -19.51
CA ILE A 163 -4.35 -10.99 -20.82
C ILE A 163 -5.54 -10.64 -21.72
N SER A 164 -6.75 -10.74 -21.17
CA SER A 164 -7.96 -10.49 -21.94
C SER A 164 -8.21 -9.01 -22.26
N GLU A 165 -8.15 -8.17 -21.23
CA GLU A 165 -8.29 -6.75 -21.35
C GLU A 165 -7.15 -6.13 -22.15
N GLY A 166 -5.95 -6.69 -22.04
CA GLY A 166 -4.84 -6.17 -22.81
C GLY A 166 -5.02 -6.43 -24.29
N THR A 167 -5.43 -7.65 -24.64
CA THR A 167 -5.82 -8.01 -25.99
C THR A 167 -6.87 -7.05 -26.54
N SER A 168 -7.95 -6.82 -25.80
CA SER A 168 -9.00 -5.86 -26.22
C SER A 168 -8.49 -4.46 -26.41
N LEU A 169 -7.63 -3.97 -25.52
CA LEU A 169 -7.16 -2.60 -25.63
C LEU A 169 -6.30 -2.42 -26.89
N VAL A 170 -5.46 -3.40 -27.21
CA VAL A 170 -4.70 -3.35 -28.44
C VAL A 170 -5.63 -3.31 -29.63
N ILE A 171 -6.58 -4.24 -29.62
CA ILE A 171 -7.52 -4.31 -30.73
C ILE A 171 -8.30 -3.01 -30.90
N ASP A 172 -8.68 -2.35 -29.82
CA ASP A 172 -9.37 -1.08 -29.94
C ASP A 172 -8.51 0.08 -30.40
N ASN A 173 -7.19 -0.05 -30.36
CA ASN A 173 -6.29 1.07 -30.62
C ASN A 173 -5.33 0.83 -31.78
N ILE A 174 -5.27 -0.40 -32.27
CA ILE A 174 -4.18 -0.74 -33.18
C ILE A 174 -4.24 0.02 -34.50
N SER A 175 -5.42 0.51 -34.88
CA SER A 175 -5.56 1.23 -36.13
C SER A 175 -4.89 2.58 -35.99
N THR A 176 -5.15 3.25 -34.88
CA THR A 176 -4.55 4.53 -34.65
C THR A 176 -3.05 4.37 -34.49
N LEU A 177 -2.61 3.21 -34.02
CA LEU A 177 -1.16 3.00 -33.96
C LEU A 177 -0.61 2.88 -35.39
N LEU A 178 -1.26 2.09 -36.20
CA LEU A 178 -0.85 1.98 -37.60
C LEU A 178 -0.96 3.27 -38.43
N ASN A 179 -1.90 4.15 -38.12
CA ASN A 179 -2.17 5.37 -38.87
C ASN A 179 -1.35 6.55 -38.37
N SER A 180 -0.67 6.41 -37.23
CA SER A 180 -0.15 7.54 -36.47
C SER A 180 -1.18 8.58 -36.15
N GLU A 181 -2.35 8.10 -35.79
CA GLU A 181 -3.44 9.00 -35.42
C GLU A 181 -3.74 8.91 -33.93
N TYR A 182 -2.75 8.56 -33.12
CA TYR A 182 -2.92 8.39 -31.66
C TYR A 182 -2.38 9.58 -30.88
N VAL A 183 -2.87 9.77 -29.65
CA VAL A 183 -2.46 10.85 -28.75
C VAL A 183 -1.76 10.24 -27.52
N GLU A 184 -0.70 10.85 -27.04
CA GLU A 184 -0.03 10.31 -25.88
C GLU A 184 0.10 11.37 -24.87
N LYS A 185 0.24 10.98 -23.61
CA LYS A 185 0.44 11.94 -22.56
C LYS A 185 1.47 11.41 -21.55
N GLU A 186 2.45 12.24 -21.21
CA GLU A 186 3.52 11.87 -20.27
C GLU A 186 2.93 11.39 -18.94
N GLN A 187 3.56 10.41 -18.34
CA GLN A 187 3.08 9.89 -17.05
C GLN A 187 3.26 10.88 -15.90
N ASN A 188 2.29 11.02 -15.01
CA ASN A 188 2.54 11.84 -13.80
C ASN A 188 3.62 11.33 -12.83
N ILE A 189 4.18 12.25 -12.05
CA ILE A 189 5.07 11.95 -10.94
C ILE A 189 4.23 11.32 -9.82
N LYS A 190 3.12 11.99 -9.48
CA LYS A 190 2.36 11.54 -8.32
C LYS A 190 1.73 10.17 -8.49
N TYR A 191 1.76 9.38 -7.42
CA TYR A 191 1.33 7.99 -7.39
C TYR A 191 2.20 6.95 -8.12
N SER A 192 3.23 7.41 -8.78
CA SER A 192 4.08 6.51 -9.53
C SER A 192 4.67 5.51 -8.57
N SER A 193 4.56 4.23 -8.93
CA SER A 193 5.04 3.15 -8.04
C SER A 193 5.64 2.02 -8.88
N TYR A 194 6.57 1.31 -8.26
CA TYR A 194 7.34 0.34 -9.02
C TYR A 194 7.82 -0.76 -8.09
N TYR A 195 7.74 -2.01 -8.56
CA TYR A 195 8.32 -3.15 -7.86
C TYR A 195 9.25 -3.95 -8.78
N SER A 196 10.50 -4.10 -8.36
CA SER A 196 11.42 -5.02 -9.06
C SER A 196 11.19 -6.48 -8.76
N LYS A 197 11.93 -7.31 -9.52
CA LYS A 197 11.86 -8.73 -9.27
C LYS A 197 12.39 -9.08 -7.86
N LYS A 198 13.17 -8.21 -7.22
CA LYS A 198 13.72 -8.50 -5.88
C LYS A 198 12.63 -8.41 -4.81
N THR A 199 11.51 -7.78 -5.11
CA THR A 199 10.48 -7.52 -4.13
C THR A 199 9.71 -8.73 -3.65
N ILE A 200 9.62 -9.79 -4.46
CA ILE A 200 9.09 -11.05 -4.02
C ILE A 200 10.06 -12.16 -4.40
N ASP A 201 10.33 -13.04 -3.45
CA ASP A 201 11.21 -14.16 -3.70
C ASP A 201 10.35 -15.38 -3.75
N TYR A 202 9.94 -15.73 -4.98
CA TYR A 202 9.06 -16.85 -5.16
C TYR A 202 9.64 -18.20 -4.77
N SER A 203 10.96 -18.28 -4.60
CA SER A 203 11.56 -19.51 -4.16
C SER A 203 11.45 -19.62 -2.65
N ASN A 204 11.11 -18.54 -1.95
CA ASN A 204 10.93 -18.60 -0.51
C ASN A 204 9.73 -17.86 0.02
N LEU A 205 8.55 -18.10 -0.54
CA LEU A 205 7.32 -17.50 0.02
C LEU A 205 7.00 -18.03 1.40
N GLU A 206 6.50 -17.15 2.26
CA GLU A 206 6.06 -17.52 3.59
C GLU A 206 4.94 -16.59 3.99
N LEU A 207 3.85 -17.17 4.46
CA LEU A 207 2.72 -16.40 4.96
C LEU A 207 3.10 -15.67 6.24
N ASN A 208 2.66 -14.44 6.36
CA ASN A 208 2.95 -13.64 7.55
C ASN A 208 1.63 -13.41 8.26
N PHE A 209 1.47 -14.05 9.41
CA PHE A 209 0.30 -13.96 10.26
C PHE A 209 0.32 -12.81 11.29
N SER A 210 1.42 -12.07 11.37
CA SER A 210 1.47 -10.82 12.13
CA SER A 210 1.45 -10.82 12.14
C SER A 210 0.86 -9.68 11.30
N LYS A 211 -0.41 -9.88 10.95
CA LYS A 211 -1.06 -9.04 9.95
C LYS A 211 -2.50 -9.21 10.26
N THR A 212 -3.33 -8.40 9.60
CA THR A 212 -4.78 -8.53 9.76
C THR A 212 -5.35 -9.67 8.89
N ALA A 213 -6.56 -10.07 9.21
CA ALA A 213 -7.12 -11.16 8.48
C ALA A 213 -7.32 -10.78 7.02
N PHE A 214 -7.78 -9.56 6.79
CA PHE A 214 -7.85 -9.02 5.44
C PHE A 214 -6.54 -9.14 4.65
N GLU A 215 -5.46 -8.62 5.25
CA GLU A 215 -4.12 -8.81 4.70
C GLU A 215 -3.74 -10.28 4.40
N ILE A 216 -4.05 -11.18 5.32
CA ILE A 216 -3.68 -12.56 5.17
C ILE A 216 -4.47 -13.25 4.07
N ILE A 217 -5.75 -12.96 3.98
CA ILE A 217 -6.50 -13.51 2.89
C ILE A 217 -5.98 -12.98 1.56
N ASN A 218 -5.52 -11.73 1.60
CA ASN A 218 -4.95 -11.11 0.42
C ASN A 218 -3.59 -11.72 0.08
N GLN A 219 -2.83 -12.17 1.08
CA GLN A 219 -1.67 -12.97 0.80
C GLN A 219 -2.05 -14.27 0.09
N LEU A 220 -3.06 -14.97 0.58
CA LEU A 220 -3.44 -16.23 -0.03
C LEU A 220 -3.75 -15.98 -1.51
N ARG A 221 -4.62 -15.03 -1.76
CA ARG A 221 -5.02 -14.67 -3.12
C ARG A 221 -3.86 -14.30 -4.04
N ALA A 222 -2.98 -13.46 -3.52
CA ALA A 222 -1.86 -13.02 -4.33
C ALA A 222 -0.89 -14.11 -4.69
N PHE A 223 -0.77 -15.14 -3.86
CA PHE A 223 0.16 -16.23 -4.14
C PHE A 223 -0.51 -17.45 -4.74
N THR A 224 -1.79 -17.33 -5.07
CA THR A 224 -2.55 -18.44 -5.58
C THR A 224 -2.52 -18.38 -7.10
N PHE A 225 -1.57 -19.14 -7.64
CA PHE A 225 -1.36 -19.24 -9.09
C PHE A 225 -0.76 -20.61 -9.40
N ARG A 226 -1.66 -21.58 -9.55
CA ARG A 226 -1.44 -22.99 -9.36
C ARG A 226 -0.31 -23.50 -10.21
N GLU A 227 -0.23 -23.04 -11.45
CA GLU A 227 0.81 -23.51 -12.34
C GLU A 227 2.16 -23.08 -11.83
N TYR A 228 2.26 -22.10 -10.93
CA TYR A 228 3.55 -21.73 -10.32
C TYR A 228 3.61 -22.25 -8.90
N GLN A 229 2.67 -21.82 -8.07
CA GLN A 229 2.65 -22.31 -6.68
C GLN A 229 1.31 -22.07 -6.01
N LEU A 230 1.20 -22.67 -4.82
CA LEU A 230 0.11 -22.38 -3.89
C LEU A 230 0.79 -21.90 -2.63
N PRO A 231 0.12 -21.03 -1.86
CA PRO A 231 0.60 -20.78 -0.51
C PRO A 231 0.61 -22.04 0.36
N LYS A 232 1.55 -22.12 1.29
CA LYS A 232 1.73 -23.26 2.17
C LYS A 232 1.79 -22.84 3.61
N LEU A 233 1.15 -23.64 4.45
CA LEU A 233 1.33 -23.59 5.89
C LEU A 233 1.85 -24.96 6.34
N ASP A 234 3.10 -24.99 6.77
CA ASP A 234 3.68 -26.20 7.34
C ASP A 234 3.70 -27.28 6.28
N GLY A 235 4.17 -26.89 5.10
CA GLY A 235 4.24 -27.77 3.94
C GLY A 235 2.92 -28.18 3.30
N VAL A 236 1.77 -27.81 3.88
CA VAL A 236 0.47 -28.16 3.31
C VAL A 236 -0.02 -27.05 2.37
N ASN A 237 -0.46 -27.42 1.17
CA ASN A 237 -0.84 -26.42 0.19
C ASN A 237 -2.24 -25.97 0.53
N ILE A 238 -2.46 -24.67 0.43
CA ILE A 238 -3.73 -24.05 0.74
C ILE A 238 -4.40 -23.53 -0.52
N PHE A 239 -5.72 -23.66 -0.67
CA PHE A 239 -6.49 -22.99 -1.71
C PHE A 239 -7.54 -22.09 -1.06
N LEU A 240 -7.14 -20.84 -0.88
CA LEU A 240 -7.91 -19.81 -0.19
C LEU A 240 -8.34 -20.06 1.25
N GLY A 241 -9.26 -19.24 1.74
CA GLY A 241 -9.55 -19.14 3.17
C GLY A 241 -10.69 -18.16 3.38
N ASP A 242 -11.09 -17.96 4.62
CA ASP A 242 -12.13 -16.99 4.94
C ASP A 242 -11.80 -16.42 6.30
N VAL A 243 -12.51 -15.35 6.63
CA VAL A 243 -12.37 -14.71 7.95
C VAL A 243 -13.46 -15.12 8.93
N LEU A 244 -13.08 -15.48 10.16
CA LEU A 244 -14.03 -15.89 11.18
C LEU A 244 -14.41 -14.69 12.06
N SER A 245 -15.37 -14.80 12.97
CA SER A 245 -15.67 -13.63 13.81
C SER A 245 -14.89 -13.73 15.08
N SER A 246 -14.53 -14.95 15.38
CA SER A 246 -13.62 -15.37 16.40
C SER A 246 -12.32 -14.52 16.48
N ARG A 247 -11.84 -14.22 17.68
CA ARG A 247 -10.54 -13.53 17.84
C ARG A 247 -9.56 -14.09 18.85
N SER A 248 -8.78 -15.07 18.46
CA SER A 248 -8.00 -15.75 19.48
C SER A 248 -6.91 -14.88 20.10
N ILE A 249 -6.56 -15.16 21.36
CA ILE A 249 -5.65 -14.30 22.10
C ILE A 249 -4.33 -14.99 22.11
N MET A 250 -4.32 -16.17 21.52
CA MET A 250 -3.09 -16.77 21.09
C MET A 250 -2.38 -15.84 20.17
N LYS A 251 -1.07 -15.88 20.26
CA LYS A 251 -0.23 -15.02 19.47
C LYS A 251 -0.42 -15.30 17.97
N PRO A 252 -0.25 -14.25 17.16
CA PRO A 252 -0.54 -14.40 15.71
C PRO A 252 0.27 -15.54 15.12
N GLY A 253 -0.35 -16.32 14.25
CA GLY A 253 0.32 -17.51 13.71
C GLY A 253 0.03 -18.81 14.45
N SER A 254 -0.37 -18.71 15.72
CA SER A 254 -0.77 -19.93 16.44
C SER A 254 -1.87 -20.68 15.71
N ILE A 255 -1.66 -21.97 15.49
CA ILE A 255 -2.68 -22.82 14.89
C ILE A 255 -3.75 -23.23 15.88
N LEU A 256 -4.98 -22.81 15.67
CA LEU A 256 -6.05 -23.03 16.62
C LEU A 256 -6.68 -24.42 16.49
N GLU A 257 -7.02 -24.78 15.24
CA GLU A 257 -7.49 -26.12 14.89
C GLU A 257 -6.87 -26.59 13.60
N ARG A 258 -6.88 -27.92 13.44
CA ARG A 258 -6.42 -28.67 12.25
C ARG A 258 -7.41 -29.76 11.97
N ASN A 259 -7.97 -29.81 10.78
CA ASN A 259 -8.66 -31.01 10.36
C ASN A 259 -8.28 -31.29 8.93
N ASP A 260 -8.92 -32.30 8.37
CA ASP A 260 -8.61 -32.81 7.05
C ASP A 260 -8.79 -31.72 6.00
N LYS A 261 -9.79 -30.87 6.20
CA LYS A 261 -10.14 -29.86 5.23
C LYS A 261 -9.55 -28.47 5.50
N GLU A 262 -9.03 -28.21 6.69
CA GLU A 262 -8.73 -26.84 7.06
C GLU A 262 -7.89 -26.61 8.29
N ILE A 263 -7.27 -25.45 8.33
CA ILE A 263 -6.44 -25.01 9.41
C ILE A 263 -6.91 -23.61 9.83
N ILE A 264 -7.08 -23.44 11.13
CA ILE A 264 -7.53 -22.18 11.64
C ILE A 264 -6.38 -21.56 12.38
N VAL A 265 -6.13 -20.26 12.11
CA VAL A 265 -4.97 -19.59 12.65
C VAL A 265 -5.36 -18.28 13.35
N SER A 266 -4.61 -17.95 14.40
CA SER A 266 -4.76 -16.65 15.07
C SER A 266 -4.12 -15.58 14.23
N THR A 267 -4.74 -14.40 14.12
CA THR A 267 -4.08 -13.22 13.55
C THR A 267 -3.98 -12.01 14.50
N ILE A 268 -3.57 -10.86 13.94
CA ILE A 268 -3.63 -9.60 14.71
C ILE A 268 -5.05 -9.24 15.10
N ASP A 269 -6.01 -9.59 14.24
CA ASP A 269 -7.39 -9.31 14.56
C ASP A 269 -8.26 -10.58 14.57
N TYR A 270 -8.94 -10.89 13.47
CA TYR A 270 -9.89 -11.99 13.36
C TYR A 270 -9.18 -13.27 12.93
N ASP A 271 -9.63 -14.38 13.52
CA ASP A 271 -9.10 -15.66 13.14
C ASP A 271 -9.37 -15.90 11.66
N VAL A 272 -8.46 -16.62 11.04
CA VAL A 272 -8.74 -17.04 9.69
C VAL A 272 -8.73 -18.55 9.57
N VAL A 273 -9.50 -19.05 8.62
CA VAL A 273 -9.46 -20.49 8.32
C VAL A 273 -8.84 -20.63 6.93
N LEU A 274 -7.83 -21.48 6.81
CA LEU A 274 -7.13 -21.70 5.56
C LEU A 274 -7.57 -23.04 5.04
N TYR A 275 -8.08 -23.09 3.82
CA TYR A 275 -8.55 -24.34 3.26
C TYR A 275 -7.40 -25.11 2.63
N LYS A 276 -7.29 -26.36 3.03
CA LYS A 276 -6.32 -27.24 2.39
C LYS A 276 -6.71 -27.44 0.92
N ASP A 277 -5.72 -27.43 0.04
CA ASP A 277 -5.97 -27.59 -1.38
C ASP A 277 -6.33 -29.07 -1.54
N ASN A 278 -7.54 -29.33 -2.02
CA ASN A 278 -8.00 -30.70 -2.36
C ASN A 278 -8.44 -30.86 -3.83
N PHE A 279 -7.84 -30.03 -4.68
CA PHE A 279 -8.22 -30.00 -6.08
C PHE A 279 -8.10 -31.36 -6.78
N LYS A 280 -6.98 -32.05 -6.57
CA LYS A 280 -6.73 -33.36 -7.17
C LYS A 280 -7.86 -34.32 -6.79
N GLU A 281 -8.19 -34.27 -5.52
CA GLU A 281 -9.24 -35.14 -5.04
C GLU A 281 -10.57 -34.77 -5.66
N ILE A 282 -10.81 -33.48 -5.79
CA ILE A 282 -12.07 -33.00 -6.41
C ILE A 282 -12.15 -33.48 -7.85
N LEU A 283 -11.05 -33.30 -8.56
CA LEU A 283 -11.01 -33.73 -9.95
C LEU A 283 -11.29 -35.23 -10.09
N GLU A 284 -10.72 -36.08 -9.22
CA GLU A 284 -10.97 -37.54 -9.23
C GLU A 284 -12.44 -37.85 -9.00
N ALA A 285 -13.08 -37.16 -8.07
CA ALA A 285 -14.49 -37.31 -7.82
C ALA A 285 -15.40 -36.88 -8.95
N CYS A 286 -14.92 -36.02 -9.84
CA CYS A 286 -15.75 -35.50 -10.92
C CYS A 286 -16.11 -36.61 -11.92
N LYS A 287 -15.32 -37.68 -11.96
CA LYS A 287 -15.64 -38.81 -12.85
C LYS A 287 -17.03 -39.35 -12.62
N TYR A 288 -17.28 -39.72 -11.37
CA TYR A 288 -18.54 -40.39 -11.05
C TYR A 288 -19.42 -39.86 -9.96
N SER A 289 -19.04 -38.82 -9.23
CA SER A 289 -19.88 -38.37 -8.12
C SER A 289 -20.88 -37.41 -8.61
N ASP A 290 -21.84 -37.11 -7.74
CA ASP A 290 -22.82 -36.08 -8.08
C ASP A 290 -22.49 -34.74 -7.42
N SER A 291 -23.22 -33.70 -7.83
CA SER A 291 -23.48 -32.43 -7.15
C SER A 291 -23.19 -32.46 -5.69
N LYS A 292 -23.87 -33.40 -5.06
CA LYS A 292 -24.10 -33.31 -3.65
C LYS A 292 -22.75 -33.64 -3.01
N TYR A 293 -22.09 -34.67 -3.52
CA TYR A 293 -20.78 -35.04 -3.01
C TYR A 293 -19.73 -33.93 -3.25
N ILE A 294 -19.73 -33.34 -4.44
CA ILE A 294 -18.71 -32.35 -4.77
C ILE A 294 -18.95 -31.11 -3.91
N ALA A 295 -20.20 -30.67 -3.83
CA ALA A 295 -20.52 -29.51 -3.00
C ALA A 295 -19.97 -29.65 -1.59
N LYS A 296 -19.96 -30.86 -1.02
CA LYS A 296 -19.31 -31.16 0.27
C LYS A 296 -17.81 -31.07 0.33
N LEU A 297 -17.11 -31.44 -0.74
CA LEU A 297 -15.65 -31.41 -0.77
C LEU A 297 -15.10 -29.98 -0.88
N ILE A 298 -15.89 -29.13 -1.51
CA ILE A 298 -15.56 -27.76 -1.92
C ILE A 298 -15.50 -26.87 -0.68
N ARG A 299 -14.51 -25.99 -0.61
CA ARG A 299 -14.59 -24.87 0.31
C ARG A 299 -14.66 -23.62 -0.51
N ALA A 300 -13.58 -23.21 -1.16
CA ALA A 300 -13.69 -22.01 -1.99
C ALA A 300 -14.28 -22.44 -3.33
N LYS A 301 -15.36 -21.78 -3.72
CA LYS A 301 -16.04 -22.09 -4.95
C LYS A 301 -15.15 -22.11 -6.22
N SER A 302 -14.21 -21.17 -6.33
CA SER A 302 -13.45 -21.05 -7.55
C SER A 302 -12.56 -22.27 -7.77
N ILE A 303 -12.40 -23.15 -6.78
CA ILE A 303 -11.59 -24.34 -6.96
C ILE A 303 -12.13 -25.23 -8.08
N LEU A 304 -13.42 -25.06 -8.33
CA LEU A 304 -14.13 -25.73 -9.43
C LEU A 304 -13.69 -25.35 -10.85
N PHE A 305 -13.00 -24.24 -11.01
CA PHE A 305 -12.53 -23.77 -12.31
C PHE A 305 -11.01 -23.99 -12.45
N GLU A 306 -10.36 -24.62 -11.47
CA GLU A 306 -8.92 -24.89 -11.60
C GLU A 306 -8.66 -26.06 -12.57
N LYS A 307 -7.39 -26.18 -12.97
CA LYS A 307 -6.95 -27.18 -13.91
C LYS A 307 -5.69 -27.91 -13.51
N ASN A 308 -5.60 -29.18 -13.88
CA ASN A 308 -4.35 -29.89 -13.73
C ASN A 308 -3.40 -29.54 -14.87
N ILE A 309 -2.27 -30.24 -14.85
CA ILE A 309 -1.17 -29.93 -15.72
C ILE A 309 -1.47 -30.13 -17.20
N TYR A 310 -2.52 -30.89 -17.55
CA TYR A 310 -3.04 -31.00 -18.95
C TYR A 310 -4.05 -29.94 -19.37
N GLY A 311 -4.53 -29.17 -18.40
CA GLY A 311 -5.63 -28.25 -18.62
C GLY A 311 -7.00 -28.89 -18.43
N TRP A 312 -7.07 -30.01 -17.73
CA TRP A 312 -8.35 -30.66 -17.38
C TRP A 312 -8.93 -29.97 -16.16
N SER A 313 -10.13 -29.40 -16.33
CA SER A 313 -10.90 -28.87 -15.25
C SER A 313 -11.95 -29.87 -14.78
N PRO A 314 -12.65 -29.51 -13.71
CA PRO A 314 -13.81 -30.33 -13.33
C PRO A 314 -14.79 -30.64 -14.43
N VAL A 315 -15.18 -29.63 -15.19
CA VAL A 315 -16.23 -29.82 -16.20
C VAL A 315 -15.75 -30.66 -17.40
N ILE A 316 -14.46 -30.57 -17.75
CA ILE A 316 -13.84 -31.46 -18.74
C ILE A 316 -13.83 -32.92 -18.25
N VAL A 317 -13.38 -33.16 -17.02
CA VAL A 317 -13.38 -34.52 -16.49
C VAL A 317 -14.82 -35.09 -16.48
N ALA A 318 -15.78 -34.27 -16.07
CA ALA A 318 -17.15 -34.71 -16.00
C ALA A 318 -17.61 -35.14 -17.41
N ALA A 319 -17.23 -34.32 -18.39
CA ALA A 319 -17.64 -34.57 -19.78
C ALA A 319 -17.07 -35.87 -20.33
N TYR A 320 -15.79 -36.09 -20.09
CA TYR A 320 -15.12 -37.26 -20.56
C TYR A 320 -15.76 -38.51 -20.01
N HIS A 321 -16.26 -38.45 -18.78
CA HIS A 321 -16.94 -39.57 -18.17
C HIS A 321 -18.47 -39.55 -18.27
N GLY A 322 -19.01 -38.69 -19.12
CA GLY A 322 -20.42 -38.57 -19.25
C GLY A 322 -21.23 -38.23 -18.02
N ASN A 323 -20.64 -37.44 -17.11
CA ASN A 323 -21.30 -37.13 -15.82
C ASN A 323 -22.15 -35.89 -16.01
N ILE A 324 -23.23 -36.08 -16.77
CA ILE A 324 -24.10 -35.00 -17.18
C ILE A 324 -24.76 -34.23 -16.04
N GLU A 325 -25.12 -34.92 -14.95
CA GLU A 325 -25.71 -34.24 -13.77
C GLU A 325 -24.71 -33.28 -13.11
N LEU A 326 -23.46 -33.68 -13.05
CA LEU A 326 -22.42 -32.82 -12.53
C LEU A 326 -22.11 -31.68 -13.50
N ILE A 327 -22.09 -31.96 -14.80
CA ILE A 327 -21.78 -30.92 -15.79
C ILE A 327 -22.78 -29.80 -15.58
N LYS A 328 -24.05 -30.16 -15.50
CA LYS A 328 -25.09 -29.13 -15.33
C LYS A 328 -24.88 -28.30 -14.05
N TRP A 329 -24.54 -28.94 -12.93
CA TRP A 329 -24.36 -28.23 -11.67
C TRP A 329 -23.14 -27.31 -11.77
N LEU A 330 -22.05 -27.83 -12.32
CA LEU A 330 -20.85 -27.01 -12.54
C LEU A 330 -21.10 -25.76 -13.34
N VAL A 331 -21.82 -25.92 -14.46
CA VAL A 331 -22.14 -24.77 -15.27
C VAL A 331 -23.02 -23.81 -14.45
N SER A 332 -23.98 -24.34 -13.68
CA SER A 332 -24.78 -23.48 -12.80
C SER A 332 -23.91 -22.69 -11.82
N LYS A 333 -22.74 -23.24 -11.48
CA LYS A 333 -21.84 -22.58 -10.54
C LYS A 333 -20.92 -21.61 -11.22
N GLY A 334 -20.85 -21.54 -12.55
CA GLY A 334 -19.91 -20.64 -13.20
C GLY A 334 -18.98 -21.33 -14.17
N ALA A 335 -19.03 -22.65 -14.28
CA ALA A 335 -18.13 -23.35 -15.17
C ALA A 335 -18.46 -23.10 -16.64
N ASN A 336 -17.44 -23.13 -17.47
CA ASN A 336 -17.57 -22.88 -18.87
C ASN A 336 -17.97 -24.18 -19.57
N ILE A 337 -19.13 -24.18 -20.23
CA ILE A 337 -19.67 -25.35 -20.93
C ILE A 337 -18.77 -25.70 -22.08
N ASN A 338 -18.03 -24.72 -22.60
CA ASN A 338 -17.04 -24.90 -23.63
C ASN A 338 -15.58 -24.75 -23.23
N ASP A 339 -15.28 -25.19 -22.01
CA ASP A 339 -13.95 -25.12 -21.50
C ASP A 339 -13.01 -25.94 -22.38
N ARG A 340 -11.73 -25.62 -22.31
CA ARG A 340 -10.73 -26.22 -23.19
C ARG A 340 -9.53 -26.65 -22.37
N ASN A 341 -8.85 -27.73 -22.76
CA ASN A 341 -7.53 -28.03 -22.18
C ASN A 341 -6.49 -27.18 -22.90
N TYR A 342 -5.23 -27.46 -22.61
CA TYR A 342 -4.17 -26.61 -23.14
C TYR A 342 -3.83 -26.82 -24.62
N LYS A 343 -4.38 -27.87 -25.23
CA LYS A 343 -4.38 -28.03 -26.68
C LYS A 343 -5.62 -27.52 -27.39
N GLY A 344 -6.48 -26.79 -26.71
CA GLY A 344 -7.72 -26.30 -27.28
C GLY A 344 -8.87 -27.31 -27.38
N THR A 345 -8.65 -28.52 -26.88
CA THR A 345 -9.66 -29.54 -26.93
C THR A 345 -10.83 -29.19 -26.03
N THR A 346 -12.03 -29.25 -26.58
CA THR A 346 -13.20 -28.72 -25.91
C THR A 346 -13.98 -29.78 -25.14
N VAL A 347 -14.82 -29.30 -24.23
CA VAL A 347 -15.80 -30.15 -23.55
C VAL A 347 -16.57 -31.04 -24.52
N ALA A 348 -16.98 -30.48 -25.65
CA ALA A 348 -17.78 -31.25 -26.61
C ALA A 348 -16.99 -32.41 -27.18
N MET A 349 -15.71 -32.19 -27.46
CA MET A 349 -14.89 -33.28 -27.91
C MET A 349 -14.79 -34.40 -26.90
N TYR A 350 -14.56 -34.07 -25.64
CA TYR A 350 -14.50 -35.08 -24.59
C TYR A 350 -15.86 -35.78 -24.41
N PHE A 351 -16.95 -35.05 -24.45
CA PHE A 351 -18.24 -35.67 -24.38
C PHE A 351 -18.49 -36.67 -25.52
N LYS A 352 -18.08 -36.29 -26.71
CA LYS A 352 -18.11 -37.16 -27.87
C LYS A 352 -17.40 -38.46 -27.55
N ASP A 353 -16.26 -38.38 -26.87
CA ASP A 353 -15.53 -39.60 -26.55
C ASP A 353 -16.40 -40.49 -25.68
N TYR A 354 -17.13 -39.87 -24.74
CA TYR A 354 -18.02 -40.63 -23.89
C TYR A 354 -19.18 -41.26 -24.65
N MET A 355 -19.77 -40.48 -25.54
CA MET A 355 -20.91 -40.98 -26.32
C MET A 355 -20.47 -42.22 -27.10
N LEU A 356 -19.33 -42.07 -27.74
CA LEU A 356 -18.77 -43.13 -28.55
C LEU A 356 -18.52 -44.38 -27.72
N LYS A 357 -17.90 -44.23 -26.56
CA LYS A 357 -17.61 -45.36 -25.71
C LYS A 357 -18.83 -46.07 -25.13
N SER A 358 -19.77 -45.29 -24.61
CA SER A 358 -20.91 -45.82 -23.92
C SER A 358 -22.03 -46.22 -24.87
N GLY A 359 -22.09 -45.60 -26.04
CA GLY A 359 -23.30 -45.68 -26.89
C GLY A 359 -24.46 -44.87 -26.31
N ASP A 360 -24.18 -44.11 -25.26
CA ASP A 360 -25.26 -43.31 -24.69
C ASP A 360 -25.20 -41.89 -25.29
N TYR A 361 -26.11 -41.67 -26.23
CA TYR A 361 -26.22 -40.37 -26.91
C TYR A 361 -27.15 -39.37 -26.26
N SER A 362 -27.93 -39.84 -25.30
CA SER A 362 -29.15 -39.17 -24.86
C SER A 362 -28.89 -37.79 -24.23
N GLY A 363 -27.73 -37.61 -23.59
CA GLY A 363 -27.44 -36.36 -22.86
C GLY A 363 -27.02 -35.18 -23.75
N LEU A 364 -26.79 -35.40 -25.04
CA LEU A 364 -26.34 -34.29 -25.86
C LEU A 364 -27.31 -33.14 -25.90
N LYS A 365 -28.62 -33.40 -26.02
CA LYS A 365 -29.55 -32.30 -26.18
C LYS A 365 -29.41 -31.31 -25.00
N MET A 366 -29.34 -31.86 -23.81
CA MET A 366 -29.27 -31.04 -22.62
C MET A 366 -28.02 -30.15 -22.60
N LEU A 367 -26.89 -30.68 -23.04
CA LEU A 367 -25.65 -29.89 -23.09
C LEU A 367 -25.73 -28.79 -24.11
N ILE A 368 -26.35 -29.09 -25.24
CA ILE A 368 -26.52 -28.11 -26.27
C ILE A 368 -27.40 -27.00 -25.69
N ASP A 369 -28.47 -27.36 -25.01
CA ASP A 369 -29.29 -26.29 -24.40
C ASP A 369 -28.55 -25.47 -23.33
N LEU A 370 -27.48 -25.99 -22.74
CA LEU A 370 -26.63 -25.18 -21.86
C LEU A 370 -25.62 -24.33 -22.59
N GLY A 371 -25.62 -24.35 -23.92
CA GLY A 371 -24.66 -23.56 -24.66
C GLY A 371 -23.55 -24.34 -25.32
N LEU A 372 -23.55 -25.66 -25.24
CA LEU A 372 -22.42 -26.43 -25.80
C LEU A 372 -22.21 -26.07 -27.29
N ASP A 373 -20.99 -25.76 -27.72
CA ASP A 373 -20.78 -25.24 -29.07
C ASP A 373 -19.99 -26.23 -29.89
N LEU A 374 -20.67 -26.88 -30.84
CA LEU A 374 -19.97 -27.87 -31.66
C LEU A 374 -19.10 -27.28 -32.79
N THR A 375 -19.14 -25.96 -32.99
CA THR A 375 -18.40 -25.35 -34.09
C THR A 375 -16.94 -25.07 -33.75
N LEU A 376 -16.58 -25.20 -32.47
CA LEU A 376 -15.29 -24.74 -32.04
C LEU A 376 -14.18 -25.62 -32.62
N THR A 377 -13.00 -25.03 -32.82
CA THR A 377 -11.81 -25.74 -33.24
C THR A 377 -10.75 -25.76 -32.13
N ASP A 378 -10.03 -26.88 -32.06
CA ASP A 378 -8.87 -26.99 -31.19
C ASP A 378 -7.69 -26.25 -31.81
N TYR A 379 -6.53 -26.36 -31.20
CA TYR A 379 -5.40 -25.62 -31.73
C TYR A 379 -4.78 -26.27 -32.97
N LYS A 380 -5.24 -27.44 -33.42
CA LYS A 380 -4.91 -27.94 -34.75
C LYS A 380 -5.94 -27.56 -35.81
N ASP A 381 -6.80 -26.59 -35.54
CA ASP A 381 -7.94 -26.30 -36.37
C ASP A 381 -8.95 -27.38 -36.72
N TYR A 382 -9.00 -28.43 -35.90
CA TYR A 382 -10.02 -29.45 -36.02
C TYR A 382 -11.27 -29.19 -35.16
N THR A 383 -12.44 -29.41 -35.73
CA THR A 383 -13.69 -29.56 -34.97
C THR A 383 -13.90 -30.99 -34.54
N VAL A 384 -14.87 -31.16 -33.65
CA VAL A 384 -15.31 -32.50 -33.21
C VAL A 384 -15.70 -33.37 -34.43
N PHE A 385 -16.29 -32.71 -35.41
CA PHE A 385 -16.66 -33.42 -36.64
C PHE A 385 -15.49 -33.90 -37.51
N ASP A 386 -14.44 -33.11 -37.61
CA ASP A 386 -13.15 -33.59 -38.14
C ASP A 386 -12.67 -34.90 -37.53
N TYR A 387 -12.76 -35.02 -36.21
CA TYR A 387 -12.28 -36.19 -35.54
C TYR A 387 -13.23 -37.34 -35.84
N LEU A 388 -14.51 -37.07 -35.93
CA LEU A 388 -15.48 -38.13 -36.17
C LEU A 388 -15.36 -38.65 -37.62
N GLU A 389 -15.06 -37.74 -38.54
CA GLU A 389 -14.87 -38.15 -39.92
C GLU A 389 -13.65 -39.03 -40.07
N LYS A 390 -12.54 -38.60 -39.46
CA LYS A 390 -11.30 -39.34 -39.46
C LYS A 390 -11.44 -40.72 -38.87
N SER A 391 -12.19 -40.83 -37.78
CA SER A 391 -12.34 -42.13 -37.10
C SER A 391 -13.44 -42.93 -37.75
N GLY A 392 -14.12 -42.36 -38.75
CA GLY A 392 -15.09 -43.11 -39.52
C GLY A 392 -16.42 -43.23 -38.82
N ASN A 393 -16.69 -42.34 -37.87
CA ASN A 393 -17.94 -42.41 -37.15
C ASN A 393 -19.00 -41.49 -37.74
N LYS A 394 -19.50 -41.82 -38.94
CA LYS A 394 -20.39 -40.94 -39.69
C LYS A 394 -21.77 -40.83 -39.04
N ASN A 395 -22.27 -41.91 -38.46
CA ASN A 395 -23.59 -41.85 -37.87
C ASN A 395 -23.64 -40.91 -36.66
N LEU A 396 -22.63 -41.00 -35.78
CA LEU A 396 -22.51 -40.07 -34.64
C LEU A 396 -22.28 -38.64 -35.10
N LEU A 397 -21.51 -38.47 -36.18
CA LEU A 397 -21.32 -37.15 -36.77
C LEU A 397 -22.67 -36.57 -37.15
N GLN A 398 -23.52 -37.36 -37.81
CA GLN A 398 -24.83 -36.83 -38.25
C GLN A 398 -25.67 -36.54 -37.01
N TYR A 399 -25.61 -37.46 -36.04
CA TYR A 399 -26.39 -37.29 -34.82
C TYR A 399 -26.08 -35.98 -34.12
N MET A 400 -24.78 -35.64 -33.97
CA MET A 400 -24.35 -34.42 -33.31
C MET A 400 -24.76 -33.17 -34.08
N MET A 401 -24.61 -33.19 -35.40
CA MET A 401 -25.05 -32.06 -36.23
C MET A 401 -26.55 -31.77 -36.08
N ALA A 402 -27.33 -32.83 -35.90
CA ALA A 402 -28.76 -32.67 -35.84
C ALA A 402 -29.20 -31.84 -34.63
N PHE A 403 -28.39 -31.77 -33.58
CA PHE A 403 -28.74 -31.00 -32.39
C PHE A 403 -28.15 -29.58 -32.33
N MET A 404 -27.29 -29.21 -33.27
CA MET A 404 -26.72 -27.85 -33.28
C MET A 404 -27.73 -26.74 -33.54
N LYS A 405 -27.67 -25.62 -32.79
CA LYS A 405 -28.48 -24.41 -33.06
C LYS A 405 -27.75 -23.11 -32.67
N MET B 8 -16.51 11.43 39.88
CA MET B 8 -15.96 10.32 39.03
C MET B 8 -14.44 10.16 38.94
N LYS B 9 -14.01 9.12 38.24
CA LYS B 9 -12.60 8.91 38.14
C LYS B 9 -12.16 8.44 36.76
N ILE B 10 -10.91 8.75 36.47
CA ILE B 10 -10.27 8.36 35.23
C ILE B 10 -8.83 7.95 35.51
N ILE B 11 -8.48 6.88 34.81
CA ILE B 11 -7.11 6.39 34.79
C ILE B 11 -6.60 6.73 33.39
N ILE B 12 -5.56 7.56 33.36
CA ILE B 12 -4.86 7.96 32.13
C ILE B 12 -3.55 7.16 32.03
N ALA B 13 -3.50 6.27 31.04
CA ALA B 13 -2.35 5.37 30.87
C ALA B 13 -1.64 5.76 29.59
N GLY B 14 -0.39 6.19 29.66
CA GLY B 14 0.33 6.52 28.43
C GLY B 14 1.42 7.56 28.60
N LYS B 15 1.64 8.40 27.58
CA LYS B 15 2.80 9.26 27.56
C LYS B 15 2.56 10.45 26.66
N ASN B 16 3.57 11.32 26.66
CA ASN B 16 3.76 12.38 25.66
C ASN B 16 2.75 13.51 25.85
N ASP B 17 2.73 14.48 24.94
CA ASP B 17 1.93 15.67 25.16
C ASP B 17 0.44 15.32 25.22
N ILE B 18 0.04 14.27 24.52
CA ILE B 18 -1.36 13.85 24.57
C ILE B 18 -1.79 13.49 25.98
N ALA B 19 -0.98 12.69 26.70
CA ALA B 19 -1.30 12.34 28.10
C ALA B 19 -1.34 13.60 28.94
N VAL B 20 -0.29 14.41 28.79
CA VAL B 20 -0.19 15.65 29.56
C VAL B 20 -1.32 16.62 29.31
N ASN B 21 -1.61 16.84 28.03
CA ASN B 21 -2.60 17.83 27.69
C ASN B 21 -4.05 17.37 27.94
N VAL B 22 -4.34 16.08 27.83
CA VAL B 22 -5.63 15.65 28.32
C VAL B 22 -5.72 15.81 29.82
N THR B 23 -4.68 15.41 30.55
CA THR B 23 -4.70 15.59 31.98
C THR B 23 -4.87 17.06 32.33
N ARG B 24 -4.08 17.92 31.70
CA ARG B 24 -4.14 19.33 32.07
C ARG B 24 -5.57 19.88 31.87
N TRP B 25 -6.22 19.44 30.80
CA TRP B 25 -7.55 19.91 30.50
C TRP B 25 -8.54 19.44 31.55
N LEU B 26 -8.45 18.17 31.92
CA LEU B 26 -9.30 17.66 32.98
C LEU B 26 -9.13 18.43 34.30
N GLN B 27 -7.89 18.72 34.72
CA GLN B 27 -7.73 19.45 35.95
C GLN B 27 -8.33 20.85 35.87
N LYS B 28 -8.41 21.41 34.66
CA LYS B 28 -8.90 22.74 34.52
C LYS B 28 -10.41 22.70 34.44
N LYS B 29 -10.93 21.85 33.57
CA LYS B 29 -12.35 21.85 33.26
C LYS B 29 -13.21 20.83 33.99
N LYS B 30 -12.63 19.86 34.66
CA LYS B 30 -13.41 18.89 35.41
C LYS B 30 -12.72 18.73 36.74
N LYS B 31 -12.65 19.85 37.44
CA LYS B 31 -12.25 19.98 38.84
C LYS B 31 -12.42 18.70 39.64
N ASN B 32 -13.59 18.10 39.53
CA ASN B 32 -14.01 17.09 40.49
C ASN B 32 -13.62 15.67 40.14
N ILE B 33 -13.11 15.45 38.94
CA ILE B 33 -12.71 14.11 38.51
C ILE B 33 -11.39 13.78 39.17
N GLU B 34 -11.32 12.66 39.87
CA GLU B 34 -10.05 12.19 40.40
C GLU B 34 -9.26 11.52 39.29
N ILE B 35 -7.99 11.87 39.17
CA ILE B 35 -7.16 11.32 38.11
C ILE B 35 -6.13 10.37 38.68
N TYR B 36 -5.94 9.23 38.02
CA TYR B 36 -4.87 8.29 38.32
C TYR B 36 -4.08 8.11 37.05
N ALA B 37 -2.79 7.83 37.17
CA ALA B 37 -1.94 7.67 35.99
C ALA B 37 -1.19 6.36 35.99
N ILE B 38 -0.99 5.82 34.80
CA ILE B 38 -0.02 4.74 34.59
C ILE B 38 0.91 5.30 33.53
N CYS B 39 2.20 5.23 33.82
CA CYS B 39 3.22 5.75 32.93
C CYS B 39 3.84 4.58 32.18
N ASN B 40 4.39 4.88 31.02
CA ASN B 40 5.12 3.91 30.23
C ASN B 40 6.50 3.68 30.82
N ALA B 41 7.00 2.47 30.62
CA ALA B 41 8.30 2.08 31.21
C ALA B 41 9.47 2.93 30.72
N ASN B 42 9.50 3.29 29.44
CA ASN B 42 10.62 4.06 28.92
C ASN B 42 10.51 5.57 29.14
N ASP B 43 9.54 6.01 29.94
CA ASP B 43 9.36 7.45 30.17
C ASP B 43 10.52 7.88 31.03
N THR B 44 11.36 8.75 30.48
CA THR B 44 12.63 9.08 31.12
C THR B 44 12.41 10.11 32.24
N GLY B 45 11.22 10.65 32.47
CA GLY B 45 11.08 11.61 33.57
C GLY B 45 11.62 13.00 33.31
N ILE B 46 12.06 13.26 32.08
CA ILE B 46 12.68 14.50 31.64
C ILE B 46 11.90 14.90 30.38
N ASP B 47 11.51 16.17 30.29
CA ASP B 47 10.88 16.70 29.10
C ASP B 47 11.75 16.79 27.88
N THR B 48 11.31 16.25 26.76
CA THR B 48 12.10 16.19 25.55
C THR B 48 11.28 16.78 24.42
N PHE B 49 11.47 16.29 23.20
CA PHE B 49 10.55 16.74 22.16
C PHE B 49 9.07 16.53 22.49
N GLN B 50 8.72 15.52 23.27
CA GLN B 50 7.47 15.44 24.01
C GLN B 50 7.71 15.61 25.49
N ARG B 51 6.75 16.23 26.14
CA ARG B 51 6.75 16.36 27.61
C ARG B 51 6.72 14.98 28.26
N SER B 52 7.36 14.84 29.41
CA SER B 52 7.31 13.61 30.21
C SER B 52 6.01 13.58 30.99
N PHE B 53 5.22 12.54 30.76
CA PHE B 53 3.99 12.41 31.51
C PHE B 53 4.27 12.10 32.98
N LYS B 54 5.30 11.30 33.24
CA LYS B 54 5.62 10.92 34.62
C LYS B 54 6.07 12.17 35.36
N LYS B 55 6.90 13.00 34.72
CA LYS B 55 7.27 14.27 35.32
C LYS B 55 6.12 15.20 35.66
N TYR B 56 5.17 15.31 34.72
CA TYR B 56 3.95 16.08 34.94
C TYR B 56 3.13 15.50 36.09
N CYS B 57 2.96 14.18 36.11
CA CYS B 57 2.21 13.58 37.22
C CYS B 57 2.88 13.86 38.58
N LYS B 58 4.18 13.69 38.68
CA LYS B 58 4.84 13.94 39.96
C LYS B 58 4.66 15.39 40.38
N ASP B 59 4.86 16.28 39.43
CA ASP B 59 4.84 17.70 39.75
C ASP B 59 3.47 18.21 40.10
N ASN B 60 2.44 17.48 39.68
CA ASN B 60 1.08 17.88 40.01
C ASN B 60 0.37 16.91 40.95
N LEU B 61 1.12 15.98 41.55
CA LEU B 61 0.56 15.07 42.55
C LEU B 61 -0.62 14.24 42.01
N ILE B 62 -0.50 13.83 40.75
CA ILE B 62 -1.38 12.81 40.24
C ILE B 62 -0.74 11.48 40.57
N PRO B 63 -1.45 10.64 41.34
CA PRO B 63 -0.81 9.41 41.79
C PRO B 63 -0.60 8.46 40.60
N ILE B 64 0.53 7.77 40.58
CA ILE B 64 0.82 6.81 39.54
C ILE B 64 0.52 5.46 40.18
N ILE B 65 -0.29 4.66 39.48
CA ILE B 65 -0.69 3.33 39.91
C ILE B 65 -0.15 2.27 38.97
N SER B 66 -0.25 1.01 39.39
CA SER B 66 0.11 -0.12 38.56
C SER B 66 -1.14 -0.48 37.75
N LEU B 67 -0.90 -1.20 36.66
CA LEU B 67 -1.97 -1.88 35.96
C LEU B 67 -2.78 -2.77 36.89
N ALA B 68 -2.12 -3.52 37.76
CA ALA B 68 -2.81 -4.49 38.59
C ALA B 68 -3.78 -3.74 39.51
N GLU B 69 -3.29 -2.63 40.06
CA GLU B 69 -4.14 -1.71 40.79
C GLU B 69 -5.30 -1.17 39.96
N ALA B 70 -5.04 -0.71 38.76
CA ALA B 70 -6.11 -0.25 37.87
C ALA B 70 -7.25 -1.22 37.65
N TYR B 71 -6.93 -2.50 37.49
CA TYR B 71 -7.98 -3.55 37.30
C TYR B 71 -9.02 -3.58 38.41
N LYS B 72 -8.66 -3.11 39.59
CA LYS B 72 -9.55 -3.23 40.77
C LYS B 72 -10.37 -1.97 41.01
N ILE B 73 -10.17 -0.88 40.27
CA ILE B 73 -10.90 0.36 40.55
C ILE B 73 -12.15 0.40 39.69
N ASP B 74 -13.24 -0.14 40.22
CA ASP B 74 -14.39 -0.56 39.41
C ASP B 74 -15.16 0.61 38.80
N ASP B 75 -15.00 1.76 39.45
CA ASP B 75 -15.77 2.97 39.15
C ASP B 75 -14.94 3.95 38.33
N ALA B 76 -13.85 3.50 37.72
CA ALA B 76 -13.07 4.41 36.86
C ALA B 76 -13.39 4.12 35.42
N ILE B 77 -13.09 5.07 34.55
CA ILE B 77 -12.90 4.74 33.15
C ILE B 77 -11.41 4.74 32.88
N PHE B 78 -11.03 4.03 31.83
CA PHE B 78 -9.63 3.78 31.51
C PHE B 78 -9.41 4.32 30.10
N LEU B 79 -8.41 5.18 30.01
CA LEU B 79 -8.07 5.86 28.78
C LEU B 79 -6.60 5.67 28.50
N SER B 80 -6.35 4.94 27.43
CA SER B 80 -4.99 4.66 26.95
C SER B 80 -4.58 5.73 25.91
N LEU B 81 -3.46 6.41 26.16
CA LEU B 81 -2.95 7.44 25.26
C LEU B 81 -1.48 7.16 24.97
N GLU B 82 -1.29 6.32 23.96
CA GLU B 82 0.05 5.80 23.65
C GLU B 82 0.67 4.96 24.76
N PHE B 83 -0.18 4.24 25.49
CA PHE B 83 0.21 3.33 26.55
C PHE B 83 0.96 2.17 25.93
N ASP B 84 1.91 1.61 26.67
CA ASP B 84 2.85 0.62 26.13
C ASP B 84 2.53 -0.84 26.48
N LYS B 85 1.56 -1.09 27.36
CA LYS B 85 1.28 -2.41 27.92
C LYS B 85 -0.06 -2.91 27.37
N ILE B 86 -0.15 -4.20 27.08
CA ILE B 86 -1.41 -4.80 26.66
C ILE B 86 -2.16 -5.07 27.95
N VAL B 87 -3.46 -4.87 27.90
CA VAL B 87 -4.34 -4.94 29.04
C VAL B 87 -5.20 -6.23 28.82
N GLN B 88 -5.69 -6.83 29.90
CA GLN B 88 -6.77 -7.82 29.80
C GLN B 88 -8.15 -7.18 29.97
N PRO B 89 -8.88 -7.03 28.86
CA PRO B 89 -10.14 -6.27 29.03
C PRO B 89 -11.12 -6.91 30.00
N SER B 90 -11.21 -8.24 29.97
CA SER B 90 -12.23 -8.93 30.74
C SER B 90 -11.88 -8.82 32.22
N LYS B 91 -10.63 -8.46 32.53
CA LYS B 91 -10.24 -8.44 33.94
C LYS B 91 -10.72 -7.23 34.73
N PHE B 92 -11.05 -6.13 34.05
CA PHE B 92 -11.67 -4.99 34.74
C PHE B 92 -13.11 -5.39 35.03
N ASN B 93 -13.69 -4.86 36.11
CA ASN B 93 -15.11 -5.09 36.39
C ASN B 93 -16.04 -4.07 35.73
N HIS B 94 -15.55 -3.37 34.71
CA HIS B 94 -16.39 -2.48 33.90
C HIS B 94 -15.81 -2.65 32.52
N ASN B 95 -16.50 -2.10 31.53
CA ASN B 95 -16.00 -2.09 30.17
C ASN B 95 -15.76 -0.69 29.55
N GLU B 96 -15.55 0.33 30.38
CA GLU B 96 -15.24 1.70 29.99
C GLU B 96 -13.72 1.81 29.76
N LEU B 97 -13.31 1.22 28.64
CA LEU B 97 -11.89 1.12 28.26
C LEU B 97 -11.76 1.73 26.90
N PHE B 98 -10.88 2.74 26.82
CA PHE B 98 -10.82 3.54 25.61
C PHE B 98 -9.35 3.73 25.25
N ASN B 99 -9.12 3.98 23.98
CA ASN B 99 -7.77 4.18 23.41
C ASN B 99 -7.93 5.21 22.33
N ILE B 100 -6.92 6.06 22.21
CA ILE B 100 -6.62 6.84 21.02
C ILE B 100 -5.52 6.17 20.20
N HIS B 101 -5.86 5.80 18.97
CA HIS B 101 -4.91 5.27 18.03
C HIS B 101 -4.65 6.31 16.97
N PHE B 102 -3.37 6.45 16.62
CA PHE B 102 -2.91 7.36 15.59
C PHE B 102 -3.02 6.83 14.14
N SER B 103 -4.21 6.40 13.75
CA SER B 103 -4.56 6.24 12.35
C SER B 103 -6.07 6.38 12.17
N TYR B 104 -6.54 6.27 10.92
CA TYR B 104 -7.94 6.17 10.58
C TYR B 104 -8.28 4.69 10.48
N LEU B 105 -8.56 4.11 11.64
CA LEU B 105 -8.79 2.64 11.73
C LEU B 105 -9.95 2.27 10.81
N PRO B 106 -9.90 1.08 10.20
CA PRO B 106 -9.02 -0.05 10.56
C PRO B 106 -7.69 -0.11 9.82
N LYS B 107 -7.39 0.91 9.03
CA LYS B 107 -6.08 1.05 8.45
C LYS B 107 -5.06 1.39 9.48
N TYR B 108 -3.86 0.85 9.24
CA TYR B 108 -2.66 1.20 9.98
C TYR B 108 -2.83 0.97 11.44
N LYS B 109 -3.42 -0.17 11.78
CA LYS B 109 -3.28 -0.71 13.14
C LYS B 109 -1.80 -0.89 13.43
N GLY B 110 -1.40 -0.89 14.70
CA GLY B 110 -0.04 -1.15 15.10
C GLY B 110 0.87 0.06 15.17
N MET B 111 2.09 -0.16 14.72
CA MET B 111 3.24 0.70 14.97
C MET B 111 3.63 1.58 13.80
N TYR B 112 4.35 2.62 14.16
CA TYR B 112 5.06 3.47 13.24
C TYR B 112 4.06 4.14 12.32
N THR B 113 2.95 4.63 12.87
CA THR B 113 1.92 5.12 11.98
C THR B 113 2.26 6.51 11.43
N SER B 114 3.33 7.16 11.90
CA SER B 114 3.76 8.41 11.31
CA SER B 114 3.79 8.42 11.34
C SER B 114 4.67 8.16 10.11
N ALA B 115 5.09 6.91 9.94
CA ALA B 115 5.94 6.52 8.82
C ALA B 115 5.22 5.77 7.69
N TRP B 116 4.48 4.71 8.02
CA TRP B 116 3.96 3.83 7.01
C TRP B 116 3.01 4.47 6.00
N PRO B 117 2.07 5.30 6.46
CA PRO B 117 1.21 6.00 5.50
C PRO B 117 1.94 6.87 4.49
N ILE B 118 2.99 7.52 4.98
CA ILE B 118 3.82 8.35 4.13
C ILE B 118 4.57 7.49 3.11
N LEU B 119 5.20 6.45 3.60
CA LEU B 119 5.96 5.51 2.76
C LEU B 119 5.06 4.96 1.69
N ASN B 120 3.84 4.62 2.08
CA ASN B 120 2.91 3.99 1.16
C ASN B 120 2.27 4.95 0.15
N GLY B 121 2.54 6.23 0.27
CA GLY B 121 1.97 7.12 -0.69
C GLY B 121 0.57 7.60 -0.37
N GLU B 122 0.17 7.60 0.89
CA GLU B 122 -1.18 8.07 1.30
C GLU B 122 -1.25 9.60 1.31
N ASP B 123 -2.43 10.09 0.91
CA ASP B 123 -2.84 11.48 0.97
C ASP B 123 -3.30 11.90 2.36
N THR B 124 -3.90 10.98 3.12
CA THR B 124 -4.45 11.19 4.45
C THR B 124 -4.15 10.04 5.41
N SER B 125 -4.29 10.35 6.69
CA SER B 125 -4.36 9.40 7.76
C SER B 125 -5.52 9.88 8.63
N GLY B 126 -5.40 9.75 9.94
CA GLY B 126 -6.50 10.03 10.86
C GLY B 126 -6.16 9.76 12.30
N VAL B 127 -7.06 10.11 13.23
CA VAL B 127 -6.93 9.66 14.59
C VAL B 127 -8.25 9.00 14.94
N THR B 128 -8.20 8.02 15.83
CA THR B 128 -9.37 7.19 16.11
C THR B 128 -9.48 6.94 17.61
N LEU B 129 -10.67 7.19 18.15
CA LEU B 129 -10.98 6.95 19.55
C LEU B 129 -11.88 5.72 19.54
N HIS B 130 -11.50 4.70 20.28
CA HIS B 130 -12.16 3.41 20.16
C HIS B 130 -12.04 2.64 21.45
N LYS B 131 -12.75 1.52 21.55
CA LYS B 131 -12.71 0.70 22.76
C LYS B 131 -11.47 -0.19 22.74
N ILE B 132 -10.94 -0.51 23.92
CA ILE B 132 -9.85 -1.49 24.08
C ILE B 132 -10.58 -2.84 24.11
N ASP B 133 -10.25 -3.76 23.21
CA ASP B 133 -10.92 -5.04 23.07
C ASP B 133 -9.86 -6.04 22.65
N HIS B 134 -10.27 -7.30 22.55
CA HIS B 134 -9.48 -8.30 21.84
C HIS B 134 -9.12 -7.98 20.38
N GLY B 135 -7.84 -8.13 20.09
CA GLY B 135 -7.23 -7.75 18.82
C GLY B 135 -6.22 -6.68 19.19
N ILE B 136 -5.41 -6.26 18.23
CA ILE B 136 -4.64 -5.05 18.45
C ILE B 136 -5.41 -3.99 17.70
N ASP B 137 -5.76 -2.94 18.42
CA ASP B 137 -6.36 -1.84 17.73
C ASP B 137 -7.63 -2.30 17.02
N THR B 138 -8.34 -3.27 17.61
CA THR B 138 -9.49 -3.86 16.92
C THR B 138 -10.86 -3.49 17.51
N GLY B 139 -10.85 -2.87 18.69
CA GLY B 139 -12.08 -2.41 19.34
C GLY B 139 -12.97 -1.45 18.59
N ALA B 140 -14.23 -1.40 19.00
CA ALA B 140 -15.25 -0.62 18.30
C ALA B 140 -14.91 0.86 18.33
N ILE B 141 -15.20 1.53 17.22
CA ILE B 141 -14.88 2.95 17.01
C ILE B 141 -16.00 3.84 17.56
N ILE B 142 -15.61 4.86 18.31
CA ILE B 142 -16.54 5.80 18.96
C ILE B 142 -16.55 7.08 18.13
N ALA B 143 -15.38 7.56 17.78
CA ALA B 143 -15.29 8.70 16.86
C ALA B 143 -13.92 8.65 16.16
N GLN B 144 -13.86 9.15 14.93
CA GLN B 144 -12.60 9.29 14.25
C GLN B 144 -12.65 10.45 13.27
N LYS B 145 -11.48 10.97 13.02
CA LYS B 145 -11.32 12.09 12.10
C LYS B 145 -10.16 11.86 11.15
N GLU B 146 -10.34 12.23 9.88
CA GLU B 146 -9.26 12.18 8.93
C GLU B 146 -8.34 13.38 9.04
N ILE B 147 -7.07 13.18 8.68
CA ILE B 147 -6.03 14.21 8.75
C ILE B 147 -5.34 14.24 7.43
N ILE B 148 -5.17 15.42 6.83
CA ILE B 148 -4.40 15.52 5.59
C ILE B 148 -2.90 15.31 5.84
N ILE B 149 -2.23 14.58 4.96
CA ILE B 149 -0.77 14.58 4.99
C ILE B 149 -0.30 15.44 3.83
N GLN B 150 0.23 16.62 4.12
CA GLN B 150 0.74 17.49 3.05
C GLN B 150 1.96 16.88 2.35
N PRO B 151 2.14 17.15 1.05
CA PRO B 151 3.13 16.47 0.21
C PRO B 151 4.57 16.64 0.72
N PHE B 152 4.80 17.74 1.42
CA PHE B 152 6.10 18.08 1.98
C PHE B 152 6.30 17.63 3.43
N GLU B 153 5.25 17.15 4.10
CA GLU B 153 5.29 16.98 5.56
C GLU B 153 6.13 15.77 5.92
N THR B 154 6.83 15.81 7.04
CA THR B 154 7.64 14.63 7.44
C THR B 154 6.93 13.73 8.44
N ALA B 155 7.55 12.61 8.79
CA ALA B 155 7.00 11.80 9.85
C ALA B 155 6.84 12.61 11.13
N LYS B 156 7.80 13.48 11.44
CA LYS B 156 7.68 14.30 12.64
C LYS B 156 6.47 15.25 12.55
N ASP B 157 6.31 15.90 11.41
CA ASP B 157 5.16 16.75 11.20
C ASP B 157 3.88 15.95 11.45
N LEU B 158 3.82 14.73 10.87
CA LEU B 158 2.61 13.92 11.01
C LEU B 158 2.40 13.51 12.45
N TYR B 159 3.46 13.13 13.13
CA TYR B 159 3.34 12.77 14.51
C TYR B 159 2.76 13.90 15.35
N GLU B 160 3.21 15.13 15.09
CA GLU B 160 2.75 16.26 15.90
C GLU B 160 1.28 16.47 15.64
N LYS B 161 0.87 16.21 14.40
CA LYS B 161 -0.51 16.33 14.07
C LYS B 161 -1.35 15.30 14.79
N TYR B 162 -0.87 14.06 14.89
CA TYR B 162 -1.62 13.01 15.59
C TYR B 162 -1.78 13.42 17.07
N ILE B 163 -0.72 14.00 17.63
CA ILE B 163 -0.76 14.42 19.04
C ILE B 163 -1.82 15.51 19.25
N SER B 164 -1.82 16.50 18.36
CA SER B 164 -2.71 17.63 18.46
C SER B 164 -4.15 17.19 18.20
N GLU B 165 -4.39 16.49 17.09
CA GLU B 165 -5.72 16.02 16.71
C GLU B 165 -6.22 14.97 17.66
N GLY B 166 -5.34 14.10 18.18
CA GLY B 166 -5.73 13.13 19.20
C GLY B 166 -6.20 13.75 20.49
N THR B 167 -5.44 14.70 21.00
CA THR B 167 -5.85 15.51 22.12
C THR B 167 -7.23 16.16 21.93
N SER B 168 -7.43 16.90 20.85
CA SER B 168 -8.74 17.47 20.55
C SER B 168 -9.87 16.47 20.40
N LEU B 169 -9.59 15.33 19.80
CA LEU B 169 -10.57 14.25 19.74
C LEU B 169 -10.97 13.71 21.11
N VAL B 170 -10.01 13.55 22.01
CA VAL B 170 -10.34 13.13 23.34
C VAL B 170 -11.16 14.23 24.03
N ILE B 171 -10.68 15.47 23.93
CA ILE B 171 -11.39 16.55 24.59
C ILE B 171 -12.85 16.65 24.10
N ASP B 172 -13.03 16.50 22.80
CA ASP B 172 -14.35 16.65 22.23
C ASP B 172 -15.31 15.55 22.67
N ASN B 173 -14.80 14.42 23.15
CA ASN B 173 -15.61 13.25 23.46
C ASN B 173 -15.54 12.85 24.93
N ILE B 174 -14.70 13.51 25.71
CA ILE B 174 -14.45 13.01 27.05
C ILE B 174 -15.65 13.06 27.99
N SER B 175 -16.55 14.03 27.79
CA SER B 175 -17.77 14.00 28.62
C SER B 175 -18.65 12.79 28.34
N THR B 176 -18.83 12.40 27.08
CA THR B 176 -19.59 11.18 26.78
C THR B 176 -18.95 9.92 27.36
N LEU B 177 -17.62 9.85 27.35
CA LEU B 177 -16.91 8.75 27.98
C LEU B 177 -17.12 8.65 29.48
N LEU B 178 -17.09 9.76 30.18
CA LEU B 178 -17.32 9.69 31.62
C LEU B 178 -18.80 9.47 31.95
N ASN B 179 -19.72 9.89 31.09
CA ASN B 179 -21.14 9.69 31.34
C ASN B 179 -21.78 8.54 30.59
N SER B 180 -21.00 7.69 29.93
CA SER B 180 -21.52 6.61 29.11
C SER B 180 -22.60 7.07 28.15
N GLU B 181 -22.39 8.17 27.44
CA GLU B 181 -23.33 8.54 26.39
C GLU B 181 -22.69 8.56 25.02
N TYR B 182 -21.83 7.58 24.74
CA TYR B 182 -21.13 7.52 23.44
C TYR B 182 -21.79 6.39 22.67
N VAL B 183 -21.56 6.36 21.37
CA VAL B 183 -21.98 5.32 20.46
C VAL B 183 -20.72 4.58 19.95
N GLU B 184 -20.83 3.26 19.78
CA GLU B 184 -19.75 2.37 19.30
C GLU B 184 -20.18 1.81 17.95
N LYS B 185 -19.23 1.62 17.04
CA LYS B 185 -19.50 0.87 15.82
C LYS B 185 -18.35 -0.11 15.60
N GLU B 186 -18.67 -1.40 15.50
CA GLU B 186 -17.61 -2.39 15.31
C GLU B 186 -16.82 -2.07 14.07
N GLN B 187 -15.54 -2.39 14.08
CA GLN B 187 -14.69 -2.09 12.93
C GLN B 187 -14.91 -3.04 11.78
N ASN B 188 -14.78 -2.55 10.56
CA ASN B 188 -14.86 -3.42 9.40
C ASN B 188 -13.62 -4.31 9.28
N ILE B 189 -13.82 -5.51 8.73
CA ILE B 189 -12.73 -6.42 8.32
C ILE B 189 -11.98 -5.86 7.13
N LYS B 190 -12.76 -5.40 6.16
CA LYS B 190 -12.21 -4.91 4.91
C LYS B 190 -11.33 -3.66 5.06
N TYR B 191 -10.24 -3.65 4.31
CA TYR B 191 -9.20 -2.64 4.35
C TYR B 191 -8.30 -2.54 5.57
N SER B 192 -8.42 -3.45 6.52
CA SER B 192 -7.60 -3.30 7.70
C SER B 192 -6.14 -3.53 7.29
N SER B 193 -5.22 -2.89 8.00
CA SER B 193 -3.82 -3.15 7.75
C SER B 193 -3.17 -2.98 9.10
N TYR B 194 -2.01 -3.62 9.23
CA TYR B 194 -1.25 -3.65 10.49
C TYR B 194 0.24 -3.75 10.24
N TYR B 195 1.03 -3.00 10.98
CA TYR B 195 2.48 -3.12 10.93
C TYR B 195 3.03 -3.28 12.34
N SER B 196 3.89 -4.29 12.52
CA SER B 196 4.59 -4.50 13.81
C SER B 196 5.85 -3.68 13.90
N LYS B 197 6.47 -3.74 15.07
CA LYS B 197 7.78 -3.11 15.30
C LYS B 197 8.85 -3.68 14.35
N LYS B 198 8.64 -4.90 13.86
CA LYS B 198 9.69 -5.51 13.05
C LYS B 198 9.67 -4.96 11.64
N THR B 199 8.60 -4.26 11.25
CA THR B 199 8.45 -3.82 9.89
C THR B 199 9.46 -2.77 9.47
N ILE B 200 10.07 -2.06 10.41
CA ILE B 200 11.11 -1.06 10.13
C ILE B 200 12.20 -1.22 11.15
N ASP B 201 13.43 -1.42 10.68
CA ASP B 201 14.61 -1.48 11.56
C ASP B 201 15.20 -0.08 11.54
N TYR B 202 14.88 0.71 12.56
CA TYR B 202 15.38 2.05 12.59
C TYR B 202 16.87 2.05 12.89
N SER B 203 17.45 0.94 13.25
CA SER B 203 18.90 0.98 13.42
C SER B 203 19.60 0.70 12.09
N ASN B 204 18.86 0.52 10.98
CA ASN B 204 19.43 0.15 9.69
C ASN B 204 18.65 0.66 8.51
N LEU B 205 18.27 1.94 8.55
CA LEU B 205 17.51 2.51 7.46
C LEU B 205 18.35 2.60 6.20
N GLU B 206 17.79 2.28 5.04
CA GLU B 206 18.48 2.54 3.79
C GLU B 206 17.49 3.01 2.75
N LEU B 207 17.85 4.06 2.03
CA LEU B 207 17.01 4.53 0.96
C LEU B 207 17.14 3.51 -0.16
N ASN B 208 16.02 3.21 -0.78
CA ASN B 208 15.98 2.34 -1.96
C ASN B 208 15.67 3.15 -3.19
N PHE B 209 16.66 3.25 -4.07
CA PHE B 209 16.56 3.98 -5.31
C PHE B 209 15.98 3.17 -6.46
N SER B 210 15.70 1.89 -6.27
CA SER B 210 15.01 1.13 -7.30
C SER B 210 13.51 1.33 -7.10
N LYS B 211 13.12 2.59 -7.15
CA LYS B 211 11.78 3.05 -6.89
C LYS B 211 11.62 4.33 -7.71
N THR B 212 10.39 4.81 -7.72
CA THR B 212 10.04 6.03 -8.45
C THR B 212 10.41 7.22 -7.61
N ALA B 213 10.41 8.40 -8.23
CA ALA B 213 10.75 9.63 -7.53
C ALA B 213 9.74 9.87 -6.42
N PHE B 214 8.48 9.67 -6.74
CA PHE B 214 7.40 9.82 -5.74
C PHE B 214 7.66 8.92 -4.54
N GLU B 215 8.00 7.66 -4.84
CA GLU B 215 8.31 6.72 -3.78
C GLU B 215 9.56 7.11 -2.96
N ILE B 216 10.59 7.61 -3.65
CA ILE B 216 11.82 7.99 -3.01
C ILE B 216 11.62 9.23 -2.14
N ILE B 217 10.89 10.22 -2.61
CA ILE B 217 10.66 11.39 -1.75
C ILE B 217 9.81 11.05 -0.54
N ASN B 218 8.93 10.08 -0.74
CA ASN B 218 8.15 9.57 0.40
C ASN B 218 8.96 8.82 1.43
N GLN B 219 9.94 8.04 1.00
CA GLN B 219 10.92 7.49 1.91
C GLN B 219 11.67 8.55 2.71
N LEU B 220 12.22 9.54 2.04
CA LEU B 220 12.83 10.64 2.74
C LEU B 220 11.95 11.25 3.82
N ARG B 221 10.77 11.65 3.42
CA ARG B 221 9.77 12.24 4.35
C ARG B 221 9.48 11.36 5.58
N ALA B 222 9.19 10.11 5.27
CA ALA B 222 8.88 9.12 6.27
C ALA B 222 10.01 8.92 7.27
N PHE B 223 11.25 8.98 6.79
CA PHE B 223 12.43 8.76 7.66
C PHE B 223 12.94 10.06 8.25
N THR B 224 12.27 11.19 7.99
CA THR B 224 12.68 12.44 8.56
C THR B 224 12.05 12.75 9.90
N PHE B 225 12.83 12.53 10.95
CA PHE B 225 12.35 12.74 12.33
C PHE B 225 13.57 13.05 13.20
N ARG B 226 14.01 14.30 13.13
CA ARG B 226 15.33 14.72 13.61
C ARG B 226 15.67 14.21 14.98
N GLU B 227 14.78 14.28 15.94
CA GLU B 227 15.16 13.80 17.28
C GLU B 227 15.48 12.31 17.27
N TYR B 228 14.98 11.57 16.28
CA TYR B 228 15.39 10.20 16.08
C TYR B 228 16.48 10.02 15.05
N GLN B 229 16.24 10.42 13.80
CA GLN B 229 17.26 10.28 12.75
C GLN B 229 16.83 11.11 11.54
N LEU B 230 17.81 11.35 10.69
CA LEU B 230 17.59 11.80 9.35
C LEU B 230 18.04 10.69 8.41
N PRO B 231 17.44 10.60 7.22
CA PRO B 231 17.99 9.73 6.21
C PRO B 231 19.31 10.27 5.68
N LYS B 232 20.05 9.34 5.07
CA LYS B 232 21.49 9.48 4.85
C LYS B 232 21.78 8.98 3.44
N LEU B 233 22.61 9.67 2.67
CA LEU B 233 23.16 9.05 1.47
C LEU B 233 24.66 9.26 1.49
N ASP B 234 25.43 8.17 1.45
CA ASP B 234 26.90 8.22 1.56
C ASP B 234 27.35 8.81 2.89
N GLY B 235 26.70 8.38 3.98
CA GLY B 235 26.79 9.02 5.29
C GLY B 235 26.50 10.52 5.41
N VAL B 236 26.02 11.19 4.36
CA VAL B 236 25.61 12.59 4.48
C VAL B 236 24.14 12.66 4.90
N ASN B 237 23.81 13.45 5.90
CA ASN B 237 22.40 13.57 6.28
C ASN B 237 21.66 14.50 5.36
N ILE B 238 20.43 14.10 5.06
CA ILE B 238 19.56 14.76 4.11
C ILE B 238 18.33 15.31 4.83
N PHE B 239 17.99 16.55 4.51
CA PHE B 239 16.76 17.19 4.92
C PHE B 239 15.93 17.55 3.70
N LEU B 240 15.06 16.60 3.33
CA LEU B 240 14.11 16.67 2.23
C LEU B 240 14.76 16.78 0.85
N GLY B 241 13.93 16.99 -0.16
CA GLY B 241 14.39 16.86 -1.55
C GLY B 241 13.27 17.30 -2.44
N ASP B 242 13.45 17.17 -3.75
CA ASP B 242 12.39 17.47 -4.70
C ASP B 242 12.57 16.58 -5.94
N VAL B 243 11.55 16.57 -6.80
CA VAL B 243 11.61 15.78 -8.02
C VAL B 243 11.92 16.73 -9.13
N LEU B 244 12.73 16.31 -10.09
CA LEU B 244 13.11 17.19 -11.18
C LEU B 244 12.36 16.71 -12.38
N SER B 245 12.45 17.47 -13.47
CA SER B 245 11.82 17.09 -14.75
C SER B 245 12.66 16.16 -15.60
N SER B 246 13.97 16.11 -15.37
CA SER B 246 14.79 15.21 -16.16
C SER B 246 14.60 13.75 -15.76
N ARG B 247 15.01 12.89 -16.69
CA ARG B 247 14.94 11.43 -16.57
C ARG B 247 16.25 10.74 -16.97
N SER B 248 17.14 10.54 -16.03
CA SER B 248 18.46 10.05 -16.38
C SER B 248 18.33 8.62 -16.83
N ILE B 249 19.13 8.28 -17.83
CA ILE B 249 19.28 6.96 -18.43
C ILE B 249 20.13 6.10 -17.49
N MET B 250 20.81 6.68 -16.51
CA MET B 250 21.71 5.89 -15.67
C MET B 250 20.89 4.96 -14.81
N LYS B 251 21.52 3.91 -14.30
CA LYS B 251 20.79 3.01 -13.44
C LYS B 251 20.33 3.67 -12.15
N PRO B 252 19.09 3.37 -11.75
CA PRO B 252 18.56 4.06 -10.57
C PRO B 252 19.52 3.98 -9.41
N GLY B 253 19.62 5.05 -8.63
CA GLY B 253 20.59 5.15 -7.56
C GLY B 253 21.92 5.79 -7.93
N SER B 254 22.19 5.92 -9.22
CA SER B 254 23.41 6.52 -9.70
C SER B 254 23.36 8.00 -9.30
N ILE B 255 24.42 8.43 -8.64
CA ILE B 255 24.64 9.85 -8.35
C ILE B 255 25.02 10.66 -9.58
N LEU B 256 24.17 11.58 -10.00
CA LEU B 256 24.41 12.31 -11.22
C LEU B 256 25.21 13.60 -10.96
N GLU B 257 25.14 14.13 -9.75
CA GLU B 257 25.63 15.46 -9.44
C GLU B 257 25.74 15.53 -7.92
N ARG B 258 26.75 16.28 -7.48
CA ARG B 258 27.11 16.28 -6.09
C ARG B 258 27.61 17.69 -5.86
N ASN B 259 27.07 18.38 -4.86
CA ASN B 259 27.71 19.65 -4.54
C ASN B 259 27.51 19.99 -3.08
N ASP B 260 27.77 21.24 -2.69
CA ASP B 260 27.78 21.56 -1.26
C ASP B 260 26.35 21.59 -0.71
N LYS B 261 25.40 21.88 -1.58
CA LYS B 261 24.00 21.96 -1.26
C LYS B 261 23.21 20.64 -1.35
N GLU B 262 23.56 19.73 -2.25
CA GLU B 262 22.59 18.74 -2.74
C GLU B 262 23.26 17.68 -3.60
N ILE B 263 22.56 16.56 -3.72
CA ILE B 263 22.94 15.39 -4.50
C ILE B 263 21.75 15.00 -5.38
N ILE B 264 22.00 14.77 -6.67
CA ILE B 264 20.94 14.49 -7.65
C ILE B 264 21.18 13.06 -8.07
N VAL B 265 20.10 12.28 -8.10
CA VAL B 265 20.19 10.85 -8.22
C VAL B 265 19.19 10.39 -9.27
N SER B 266 19.55 9.32 -9.99
CA SER B 266 18.65 8.74 -10.98
C SER B 266 17.69 7.79 -10.25
N THR B 267 16.46 7.72 -10.74
CA THR B 267 15.45 6.82 -10.19
C THR B 267 14.80 6.06 -11.31
N ILE B 268 13.81 5.24 -10.99
CA ILE B 268 13.01 4.58 -12.00
C ILE B 268 12.39 5.51 -13.00
N ASP B 269 11.96 6.69 -12.58
CA ASP B 269 11.34 7.63 -13.54
C ASP B 269 12.10 8.98 -13.49
N TYR B 270 11.67 9.94 -12.66
CA TYR B 270 12.29 11.26 -12.59
C TYR B 270 13.49 11.31 -11.64
N ASP B 271 14.44 12.16 -12.02
CA ASP B 271 15.60 12.39 -11.18
C ASP B 271 15.09 13.11 -9.95
N VAL B 272 15.75 12.86 -8.84
CA VAL B 272 15.50 13.50 -7.57
C VAL B 272 16.73 14.24 -7.05
N VAL B 273 16.45 15.39 -6.45
CA VAL B 273 17.49 16.16 -5.77
C VAL B 273 17.28 15.94 -4.28
N LEU B 274 18.33 15.49 -3.59
CA LEU B 274 18.34 15.35 -2.12
C LEU B 274 19.14 16.49 -1.51
N TYR B 275 18.48 17.24 -0.64
CA TYR B 275 19.05 18.45 -0.07
C TYR B 275 19.86 18.13 1.16
N LYS B 276 21.12 18.51 1.20
CA LYS B 276 21.92 18.19 2.39
C LYS B 276 21.36 18.91 3.61
N ASP B 277 21.46 18.30 4.78
CA ASP B 277 20.89 18.96 5.96
C ASP B 277 21.89 20.01 6.40
N ASN B 278 21.51 21.29 6.29
CA ASN B 278 22.29 22.40 6.86
C ASN B 278 21.67 23.15 8.03
N PHE B 279 20.77 22.47 8.77
CA PHE B 279 20.11 23.04 9.94
C PHE B 279 21.07 23.65 10.96
N LYS B 280 22.15 22.95 11.26
CA LYS B 280 23.17 23.45 12.19
C LYS B 280 23.68 24.82 11.69
N GLU B 281 24.06 24.86 10.42
CA GLU B 281 24.55 26.10 9.83
C GLU B 281 23.50 27.19 9.95
N ILE B 282 22.25 26.85 9.68
CA ILE B 282 21.25 27.90 9.65
C ILE B 282 21.08 28.44 11.07
N LEU B 283 21.00 27.53 12.02
CA LEU B 283 20.65 27.93 13.39
C LEU B 283 21.72 28.90 13.94
N GLU B 284 22.97 28.61 13.60
CA GLU B 284 24.09 29.42 14.01
C GLU B 284 24.00 30.82 13.39
N ALA B 285 23.69 30.88 12.10
CA ALA B 285 23.54 32.18 11.45
C ALA B 285 22.34 32.94 11.94
N CYS B 286 21.36 32.30 12.60
CA CYS B 286 20.20 33.04 13.09
C CYS B 286 20.57 34.03 14.18
N LYS B 287 21.73 33.87 14.78
CA LYS B 287 22.12 34.81 15.83
C LYS B 287 22.07 36.26 15.33
N TYR B 288 22.77 36.48 14.22
CA TYR B 288 23.01 37.85 13.73
C TYR B 288 22.81 38.10 12.26
N SER B 289 22.66 37.08 11.42
CA SER B 289 22.53 37.34 9.99
C SER B 289 21.12 37.82 9.73
N ASP B 290 20.95 38.53 8.63
CA ASP B 290 19.64 39.06 8.24
C ASP B 290 18.92 38.10 7.34
N SER B 291 17.66 38.39 7.06
CA SER B 291 16.83 37.47 6.33
C SER B 291 17.37 37.25 4.93
N LYS B 292 18.10 38.20 4.35
CA LYS B 292 18.61 38.02 2.98
C LYS B 292 19.61 36.90 2.96
N TYR B 293 20.47 36.83 3.98
CA TYR B 293 21.49 35.79 4.03
C TYR B 293 20.88 34.42 4.35
N ILE B 294 19.95 34.41 5.30
CA ILE B 294 19.38 33.15 5.75
C ILE B 294 18.58 32.57 4.60
N ALA B 295 17.88 33.40 3.85
CA ALA B 295 17.13 32.93 2.67
C ALA B 295 17.96 32.12 1.68
N LYS B 296 19.23 32.49 1.50
CA LYS B 296 20.12 31.77 0.59
C LYS B 296 20.49 30.40 1.09
N LEU B 297 20.32 30.12 2.37
CA LEU B 297 20.75 28.85 2.92
C LEU B 297 19.62 27.82 2.76
N ILE B 298 18.42 28.26 2.45
CA ILE B 298 17.26 27.42 2.68
C ILE B 298 17.01 26.55 1.45
N ARG B 299 17.09 25.24 1.60
CA ARG B 299 16.76 24.36 0.47
C ARG B 299 15.34 23.89 0.52
N ALA B 300 14.85 23.65 1.72
CA ALA B 300 13.47 23.26 1.96
C ALA B 300 12.93 24.18 3.05
N LYS B 301 11.81 24.85 2.80
CA LYS B 301 11.29 25.88 3.73
C LYS B 301 11.09 25.38 5.15
N SER B 302 10.60 24.16 5.29
CA SER B 302 10.27 23.67 6.62
C SER B 302 11.51 23.49 7.50
N ILE B 303 12.70 23.62 6.93
CA ILE B 303 13.89 23.50 7.79
C ILE B 303 13.93 24.62 8.84
N LEU B 304 13.17 25.67 8.54
CA LEU B 304 13.15 26.87 9.40
C LEU B 304 12.38 26.63 10.68
N PHE B 305 11.66 25.51 10.74
CA PHE B 305 10.92 25.17 11.94
C PHE B 305 11.54 24.01 12.64
N GLU B 306 12.72 23.58 12.23
CA GLU B 306 13.39 22.54 13.01
C GLU B 306 13.93 23.08 14.33
N LYS B 307 14.31 22.13 15.18
CA LYS B 307 14.88 22.40 16.49
C LYS B 307 16.13 21.59 16.86
N ASN B 308 16.99 22.20 17.65
CA ASN B 308 18.15 21.44 18.17
C ASN B 308 17.75 20.57 19.36
N ILE B 309 18.72 19.86 19.94
CA ILE B 309 18.39 18.94 21.03
C ILE B 309 17.76 19.64 22.22
N TYR B 310 17.87 20.96 22.39
CA TYR B 310 17.21 21.66 23.50
C TYR B 310 15.82 22.21 23.15
N GLY B 311 15.41 22.01 21.91
CA GLY B 311 14.20 22.62 21.37
C GLY B 311 14.35 24.04 20.85
N TRP B 312 15.60 24.53 20.68
CA TRP B 312 15.80 25.88 20.07
C TRP B 312 15.57 25.80 18.58
N SER B 313 14.65 26.65 18.13
CA SER B 313 14.35 26.87 16.72
C SER B 313 15.03 28.18 16.26
N PRO B 314 15.06 28.39 14.95
CA PRO B 314 15.53 29.67 14.38
C PRO B 314 14.80 30.85 15.00
N VAL B 315 13.49 30.79 15.19
CA VAL B 315 12.85 31.96 15.80
C VAL B 315 13.26 32.21 17.26
N ILE B 316 13.50 31.13 17.99
CA ILE B 316 13.92 31.20 19.41
C ILE B 316 15.35 31.74 19.51
N VAL B 317 16.24 31.19 18.70
CA VAL B 317 17.61 31.74 18.65
C VAL B 317 17.63 33.22 18.23
N ALA B 318 16.90 33.57 17.16
CA ALA B 318 16.80 34.98 16.81
C ALA B 318 16.29 35.86 17.96
N ALA B 319 15.29 35.37 18.70
CA ALA B 319 14.74 36.17 19.78
C ALA B 319 15.74 36.38 20.90
N TYR B 320 16.50 35.35 21.24
CA TYR B 320 17.42 35.47 22.36
C TYR B 320 18.58 36.39 22.01
N HIS B 321 18.94 36.48 20.73
CA HIS B 321 19.97 37.40 20.26
C HIS B 321 19.46 38.75 19.78
N GLY B 322 18.19 39.02 19.97
CA GLY B 322 17.60 40.27 19.58
C GLY B 322 17.57 40.59 18.10
N ASN B 323 17.55 39.56 17.26
CA ASN B 323 17.51 39.68 15.80
C ASN B 323 16.12 39.94 15.25
N ILE B 324 15.67 41.18 15.39
CA ILE B 324 14.27 41.50 15.20
C ILE B 324 13.90 41.41 13.73
N GLU B 325 14.82 41.82 12.86
CA GLU B 325 14.60 41.79 11.43
C GLU B 325 14.39 40.35 10.97
N LEU B 326 15.25 39.44 11.44
CA LEU B 326 15.04 38.01 11.19
C LEU B 326 13.74 37.45 11.75
N ILE B 327 13.40 37.80 12.99
CA ILE B 327 12.17 37.27 13.63
C ILE B 327 11.01 37.59 12.71
N LYS B 328 11.00 38.82 12.23
CA LYS B 328 9.88 39.29 11.43
C LYS B 328 9.78 38.45 10.15
N TRP B 329 10.91 38.18 9.50
CA TRP B 329 10.87 37.43 8.25
C TRP B 329 10.48 35.98 8.53
N LEU B 330 11.07 35.44 9.60
CA LEU B 330 10.76 34.05 9.99
C LEU B 330 9.26 33.88 10.20
N VAL B 331 8.67 34.80 10.95
CA VAL B 331 7.23 34.79 11.15
C VAL B 331 6.52 34.90 9.80
N SER B 332 6.98 35.77 8.93
CA SER B 332 6.31 35.88 7.61
C SER B 332 6.39 34.53 6.87
N LYS B 333 7.41 33.73 7.14
CA LYS B 333 7.51 32.39 6.53
C LYS B 333 6.73 31.26 7.21
N GLY B 334 6.07 31.60 8.33
CA GLY B 334 5.14 30.75 9.06
C GLY B 334 5.75 30.26 10.36
N ALA B 335 6.88 30.78 10.81
CA ALA B 335 7.36 30.48 12.17
C ALA B 335 6.39 30.91 13.25
N ASN B 336 6.42 30.19 14.35
CA ASN B 336 5.57 30.48 15.48
C ASN B 336 6.19 31.53 16.40
N ILE B 337 5.56 32.69 16.48
CA ILE B 337 6.10 33.79 17.32
C ILE B 337 6.14 33.45 18.81
N ASN B 338 5.36 32.42 19.20
CA ASN B 338 5.35 31.95 20.55
C ASN B 338 5.93 30.54 20.69
N ASP B 339 6.86 30.19 19.80
CA ASP B 339 7.53 28.89 19.87
C ASP B 339 8.15 28.71 21.25
N ARG B 340 8.32 27.45 21.64
CA ARG B 340 8.87 27.08 22.94
C ARG B 340 10.01 26.12 22.82
N ASN B 341 10.96 26.19 23.74
CA ASN B 341 11.89 25.06 23.86
C ASN B 341 11.19 23.87 24.53
N TYR B 342 11.97 22.81 24.76
CA TYR B 342 11.41 21.63 25.41
C TYR B 342 11.07 21.80 26.90
N LYS B 343 11.41 22.92 27.51
CA LYS B 343 10.95 23.23 28.87
C LYS B 343 9.83 24.23 28.91
N GLY B 344 9.29 24.54 27.74
CA GLY B 344 8.16 25.44 27.67
C GLY B 344 8.54 26.91 27.71
N THR B 345 9.83 27.22 27.66
CA THR B 345 10.29 28.60 27.71
C THR B 345 9.97 29.21 26.34
N THR B 346 9.28 30.34 26.36
CA THR B 346 8.74 30.97 25.15
C THR B 346 9.73 31.96 24.55
N VAL B 347 9.53 32.20 23.26
CA VAL B 347 10.13 33.30 22.52
C VAL B 347 10.18 34.57 23.36
N ALA B 348 9.06 34.96 23.95
CA ALA B 348 9.01 36.16 24.75
C ALA B 348 10.01 36.15 25.90
N MET B 349 10.17 35.00 26.53
CA MET B 349 11.13 34.90 27.61
C MET B 349 12.57 35.02 27.14
N TYR B 350 12.88 34.40 26.01
CA TYR B 350 14.15 34.61 25.34
C TYR B 350 14.35 36.06 24.92
N PHE B 351 13.33 36.72 24.38
CA PHE B 351 13.51 38.11 23.98
C PHE B 351 13.72 38.99 25.22
N LYS B 352 12.96 38.70 26.26
CA LYS B 352 13.20 39.33 27.55
C LYS B 352 14.67 39.26 27.97
N ASP B 353 15.32 38.11 27.77
CA ASP B 353 16.73 37.99 28.18
C ASP B 353 17.54 38.99 27.40
N TYR B 354 17.19 39.13 26.13
CA TYR B 354 17.95 40.01 25.25
C TYR B 354 17.72 41.46 25.66
N MET B 355 16.47 41.80 25.94
CA MET B 355 16.16 43.12 26.42
C MET B 355 16.93 43.48 27.70
N LEU B 356 17.06 42.54 28.63
CA LEU B 356 17.84 42.79 29.84
C LEU B 356 19.31 42.96 29.57
N LYS B 357 19.88 42.13 28.70
CA LYS B 357 21.30 42.21 28.46
C LYS B 357 21.64 43.49 27.73
N SER B 358 20.82 43.88 26.76
CA SER B 358 21.09 45.03 25.90
C SER B 358 20.60 46.36 26.48
N GLY B 359 19.60 46.31 27.35
CA GLY B 359 18.88 47.52 27.76
C GLY B 359 18.03 48.13 26.66
N ASP B 360 17.80 47.39 25.58
CA ASP B 360 17.05 47.93 24.46
C ASP B 360 15.69 47.26 24.31
N TYR B 361 14.64 48.01 24.59
CA TYR B 361 13.30 47.45 24.60
C TYR B 361 12.60 47.76 23.27
N SER B 362 13.32 48.30 22.29
CA SER B 362 12.62 48.91 21.14
C SER B 362 11.84 47.91 20.28
N GLY B 363 12.27 46.66 20.29
CA GLY B 363 11.60 45.63 19.49
C GLY B 363 10.24 45.11 19.99
N LEU B 364 9.92 45.34 21.25
CA LEU B 364 8.83 44.63 21.90
C LEU B 364 7.50 44.87 21.25
N LYS B 365 7.17 46.13 21.00
CA LYS B 365 5.88 46.49 20.41
C LYS B 365 5.58 45.77 19.09
N MET B 366 6.59 45.67 18.28
CA MET B 366 6.39 45.12 16.96
C MET B 366 6.11 43.61 17.07
N LEU B 367 6.87 42.94 17.91
CA LEU B 367 6.66 41.52 18.14
C LEU B 367 5.28 41.27 18.76
N ILE B 368 4.92 42.06 19.76
CA ILE B 368 3.54 42.06 20.24
C ILE B 368 2.48 42.22 19.15
N ASP B 369 2.72 43.18 18.25
CA ASP B 369 1.87 43.33 17.07
C ASP B 369 1.88 42.10 16.18
N LEU B 370 2.99 41.41 16.11
CA LEU B 370 3.01 40.14 15.38
C LEU B 370 2.40 38.97 16.15
N GLY B 371 1.95 39.15 17.38
CA GLY B 371 1.30 38.07 18.09
C GLY B 371 2.01 37.55 19.33
N LEU B 372 3.12 38.17 19.69
CA LEU B 372 3.85 37.69 20.84
C LEU B 372 2.96 37.73 22.09
N ASP B 373 2.92 36.62 22.82
CA ASP B 373 2.00 36.50 23.95
C ASP B 373 2.71 36.45 25.29
N LEU B 374 2.52 37.52 26.06
CA LEU B 374 3.28 37.64 27.29
C LEU B 374 2.70 36.85 28.47
N THR B 375 1.45 36.38 28.32
CA THR B 375 0.75 35.68 29.39
C THR B 375 1.16 34.21 29.51
N LEU B 376 1.86 33.67 28.51
CA LEU B 376 2.16 32.24 28.50
C LEU B 376 2.99 31.82 29.69
N THR B 377 2.83 30.55 30.05
CA THR B 377 3.52 29.99 31.18
C THR B 377 4.50 28.90 30.73
N ASP B 378 5.71 28.82 31.28
CA ASP B 378 6.60 27.73 30.92
C ASP B 378 6.17 26.50 31.69
N TYR B 379 6.94 25.42 31.68
CA TYR B 379 6.54 24.18 32.36
C TYR B 379 6.88 24.15 33.84
N LYS B 380 7.42 25.24 34.37
CA LYS B 380 7.45 25.46 35.82
C LYS B 380 6.27 26.32 36.21
N ASP B 381 5.43 26.61 35.23
CA ASP B 381 4.24 27.41 35.44
C ASP B 381 4.51 28.89 35.73
N TYR B 382 5.65 29.42 35.29
CA TYR B 382 5.93 30.85 35.46
C TYR B 382 5.81 31.58 34.14
N THR B 383 5.31 32.80 34.24
CA THR B 383 5.36 33.77 33.14
C THR B 383 6.61 34.62 33.16
N VAL B 384 6.79 35.34 32.06
CA VAL B 384 7.94 36.23 31.97
C VAL B 384 7.95 37.24 33.11
N PHE B 385 6.76 37.63 33.57
CA PHE B 385 6.62 38.59 34.65
C PHE B 385 7.13 37.96 35.94
N ASP B 386 6.71 36.73 36.22
CA ASP B 386 7.18 36.08 37.43
C ASP B 386 8.69 36.16 37.46
N TYR B 387 9.33 35.90 36.32
CA TYR B 387 10.76 35.83 36.28
C TYR B 387 11.39 37.18 36.57
N LEU B 388 10.79 38.21 36.02
CA LEU B 388 11.30 39.58 36.16
C LEU B 388 11.17 40.11 37.60
N GLU B 389 10.08 39.75 38.27
CA GLU B 389 9.88 40.05 39.70
C GLU B 389 10.97 39.41 40.51
N LYS B 390 11.14 38.12 40.33
CA LYS B 390 12.15 37.37 41.07
C LYS B 390 13.54 37.97 40.89
N SER B 391 13.84 38.39 39.66
CA SER B 391 15.17 38.95 39.37
C SER B 391 15.20 40.42 39.80
N GLY B 392 14.04 41.01 40.09
CA GLY B 392 14.01 42.37 40.58
C GLY B 392 14.30 43.33 39.46
N ASN B 393 13.98 42.91 38.23
CA ASN B 393 14.13 43.75 37.06
C ASN B 393 12.94 44.64 36.82
N LYS B 394 12.86 45.63 37.70
CA LYS B 394 11.63 46.38 37.86
C LYS B 394 11.34 47.27 36.66
N ASN B 395 12.37 47.83 36.04
CA ASN B 395 12.18 48.66 34.84
C ASN B 395 11.48 47.95 33.68
N LEU B 396 12.06 46.83 33.26
CA LEU B 396 11.46 46.10 32.13
C LEU B 396 10.10 45.55 32.49
N LEU B 397 9.99 45.05 33.72
CA LEU B 397 8.70 44.56 34.20
C LEU B 397 7.60 45.58 33.99
N GLN B 398 7.88 46.78 34.48
CA GLN B 398 6.99 47.91 34.31
C GLN B 398 6.60 48.08 32.84
N TYR B 399 7.60 48.06 31.96
CA TYR B 399 7.33 48.27 30.53
C TYR B 399 6.48 47.14 29.91
N MET B 400 6.82 45.90 30.25
CA MET B 400 6.06 44.80 29.63
C MET B 400 4.62 44.86 30.14
N MET B 401 4.45 45.13 31.44
CA MET B 401 3.09 45.26 32.04
C MET B 401 2.22 46.36 31.44
N ALA B 402 2.84 47.47 31.02
CA ALA B 402 2.16 48.50 30.25
C ALA B 402 1.43 47.99 29.01
N PHE B 403 1.77 46.82 28.49
CA PHE B 403 1.08 46.32 27.31
C PHE B 403 -0.18 45.52 27.67
N MET B 404 -0.44 45.34 28.96
CA MET B 404 -1.43 44.38 29.49
C MET B 404 -2.62 45.06 30.16
#